data_4YHF
#
_entry.id   4YHF
#
_cell.length_a   43.770
_cell.length_b   77.090
_cell.length_c   88.030
_cell.angle_alpha   90.00
_cell.angle_beta   96.43
_cell.angle_gamma   90.00
#
_symmetry.space_group_name_H-M   'P 1 21 1'
#
loop_
_entity.id
_entity.type
_entity.pdbx_description
1 polymer 'Tyrosine-protein kinase BTK'
2 non-polymer (2S)-2-({(3R)-3-[4-amino-3-(4-phenoxyphenyl)-1H-pyrazolo[3,4-d]pyrimidin-1-yl]piperidin-1-yl}carbonyl)-4,4-dimethylpentanenitrile
3 non-polymer 'SODIUM ION'
4 non-polymer 1,2-ETHANEDIOL
5 non-polymer 'SULFATE ION'
6 non-polymer 'CHLORIDE ION'
7 water water
#
_entity_poly.entity_id   1
_entity_poly.type   'polypeptide(L)'
_entity_poly.pdbx_seq_one_letter_code
;KNAPSTAGLGYGSWEIDPKDLTFLKELGTGQFGVVKYGKWRGQYDVAIKMIKEGSMSEDEFIEEAKVMMNLSHEKLVQLY
GVCTKQRPIFIITEYMANGCLLNYLREMRHRFQTQQLLEMCKDVCEAMEYLESKQFLHRDLAARNCLVNDQGVVKVSDFG
LSRYVLDDEYTSSVGSKFPVRWSPPEVLMYSKFSSKSDIWAFGVLMWEIYSLGKMPYERFTNSETAEHIAQGLRLYRPHL
ASEKVYTIMYSCWHEKADERPTFKILLSNILDVMDEES
;
_entity_poly.pdbx_strand_id   A,B
#
loop_
_chem_comp.id
_chem_comp.type
_chem_comp.name
_chem_comp.formula
4C9 non-polymer (2S)-2-({(3R)-3-[4-amino-3-(4-phenoxyphenyl)-1H-pyrazolo[3,4-d]pyrimidin-1-yl]piperidin-1-yl}carbonyl)-4,4-dimethylpentanenitrile 'C30 H33 N7 O2'
CL non-polymer 'CHLORIDE ION' 'Cl -1'
EDO non-polymer 1,2-ETHANEDIOL 'C2 H6 O2'
NA non-polymer 'SODIUM ION' 'Na 1'
SO4 non-polymer 'SULFATE ION' 'O4 S -2'
#
# COMPACT_ATOMS: atom_id res chain seq x y z
N GLY A 10 40.85 -9.78 -1.30
CA GLY A 10 40.62 -9.61 0.12
C GLY A 10 41.14 -10.78 0.94
N TYR A 11 41.92 -10.47 1.98
CA TYR A 11 42.51 -11.49 2.84
C TYR A 11 41.86 -11.51 4.21
N GLY A 12 41.38 -12.68 4.62
CA GLY A 12 40.71 -12.84 5.89
C GLY A 12 39.79 -14.04 5.83
N SER A 13 39.58 -14.70 6.96
CA SER A 13 38.78 -15.91 7.01
C SER A 13 37.33 -15.70 6.56
N TRP A 14 36.88 -14.44 6.61
CA TRP A 14 35.51 -14.12 6.23
C TRP A 14 35.42 -13.40 4.89
N GLU A 15 36.56 -13.13 4.27
CA GLU A 15 36.58 -12.44 2.99
C GLU A 15 36.04 -13.32 1.86
N ILE A 16 35.02 -12.81 1.17
CA ILE A 16 34.47 -13.47 -0.01
C ILE A 16 35.03 -12.81 -1.26
N ASP A 17 35.23 -13.61 -2.31
CA ASP A 17 35.71 -13.11 -3.59
C ASP A 17 34.52 -12.57 -4.37
N PRO A 18 34.48 -11.24 -4.60
CA PRO A 18 33.33 -10.68 -5.34
C PRO A 18 33.10 -11.33 -6.70
N LYS A 19 34.12 -11.95 -7.28
CA LYS A 19 33.98 -12.64 -8.55
C LYS A 19 33.13 -13.91 -8.40
N ASP A 20 33.03 -14.41 -7.18
CA ASP A 20 32.19 -15.58 -6.90
C ASP A 20 30.72 -15.19 -6.72
N LEU A 21 30.42 -13.90 -6.86
CA LEU A 21 29.06 -13.40 -6.67
C LEU A 21 28.40 -13.09 -8.01
N THR A 22 27.09 -13.32 -8.06
CA THR A 22 26.27 -12.88 -9.17
C THR A 22 25.09 -12.11 -8.60
N PHE A 23 24.65 -11.07 -9.30
CA PHE A 23 23.55 -10.24 -8.85
C PHE A 23 22.35 -10.45 -9.79
N LEU A 24 21.24 -10.92 -9.22
CA LEU A 24 20.12 -11.41 -10.01
C LEU A 24 18.85 -10.57 -9.88
N LYS A 25 18.60 -10.05 -8.68
CA LYS A 25 17.38 -9.27 -8.43
C LYS A 25 17.56 -8.28 -7.29
N GLU A 26 16.91 -7.12 -7.41
CA GLU A 26 16.92 -6.11 -6.37
C GLU A 26 15.95 -6.49 -5.26
N LEU A 27 16.27 -6.11 -4.02
CA LEU A 27 15.45 -6.49 -2.86
C LEU A 27 14.96 -5.30 -2.03
N GLY A 28 15.67 -4.18 -2.11
CA GLY A 28 15.30 -3.00 -1.34
C GLY A 28 16.50 -2.16 -0.98
N THR A 29 16.26 -0.89 -0.61
CA THR A 29 17.36 0.04 -0.35
C THR A 29 17.11 0.92 0.87
N GLY A 30 17.26 0.34 2.07
CA GLY A 30 16.98 1.07 3.29
C GLY A 30 18.05 1.00 4.36
N GLN A 31 17.96 -0.02 5.22
CA GLN A 31 18.80 -0.10 6.41
C GLN A 31 20.30 -0.23 6.12
N PHE A 32 20.98 0.92 6.13
CA PHE A 32 22.43 0.98 6.00
C PHE A 32 22.94 0.77 4.57
N GLY A 33 22.07 0.34 3.66
CA GLY A 33 22.46 0.18 2.28
C GLY A 33 21.51 -0.58 1.37
N VAL A 34 21.90 -0.66 0.10
CA VAL A 34 21.13 -1.36 -0.92
C VAL A 34 21.34 -2.87 -0.77
N VAL A 35 20.29 -3.66 -1.02
CA VAL A 35 20.33 -5.11 -0.86
C VAL A 35 19.94 -5.84 -2.14
N LYS A 36 20.74 -6.83 -2.53
CA LYS A 36 20.54 -7.59 -3.77
C LYS A 36 20.46 -9.09 -3.51
N TYR A 37 19.59 -9.77 -4.23
CA TYR A 37 19.54 -11.24 -4.22
C TYR A 37 20.48 -11.78 -5.29
N GLY A 38 21.14 -12.90 -4.99
CA GLY A 38 22.07 -13.48 -5.95
C GLY A 38 22.59 -14.86 -5.60
N LYS A 39 23.56 -15.32 -6.38
CA LYS A 39 24.18 -16.64 -6.18
C LYS A 39 25.63 -16.49 -5.71
N TRP A 40 26.03 -17.39 -4.83
CA TRP A 40 27.41 -17.47 -4.36
C TRP A 40 28.00 -18.78 -4.82
N ARG A 41 29.05 -18.73 -5.63
CA ARG A 41 29.70 -19.92 -6.18
C ARG A 41 28.70 -20.81 -6.93
N GLY A 42 27.66 -20.19 -7.47
CA GLY A 42 26.67 -20.92 -8.25
C GLY A 42 25.64 -21.63 -7.39
N GLN A 43 26.10 -22.23 -6.30
CA GLN A 43 25.25 -23.07 -5.47
C GLN A 43 24.27 -22.33 -4.56
N TYR A 44 24.80 -21.44 -3.71
CA TYR A 44 24.02 -20.89 -2.60
C TYR A 44 23.30 -19.57 -2.92
N ASP A 45 22.02 -19.54 -2.61
CA ASP A 45 21.25 -18.29 -2.64
C ASP A 45 21.78 -17.38 -1.53
N VAL A 46 22.03 -16.12 -1.89
CA VAL A 46 22.51 -15.15 -0.91
C VAL A 46 21.84 -13.80 -1.10
N ALA A 47 21.78 -13.04 -0.01
CA ALA A 47 21.43 -11.63 -0.08
C ALA A 47 22.70 -10.84 0.17
N ILE A 48 22.92 -9.81 -0.66
CA ILE A 48 24.14 -9.02 -0.60
C ILE A 48 23.78 -7.59 -0.26
N LYS A 49 24.18 -7.14 0.93
CA LYS A 49 23.91 -5.78 1.37
C LYS A 49 25.10 -4.88 1.06
N MET A 50 24.87 -3.89 0.21
CA MET A 50 25.91 -2.96 -0.21
C MET A 50 25.86 -1.69 0.63
N ILE A 51 26.76 -1.61 1.61
CA ILE A 51 26.81 -0.45 2.51
C ILE A 51 27.05 0.82 1.72
N LYS A 52 26.08 1.73 1.77
CA LYS A 52 26.16 3.01 1.06
C LYS A 52 27.49 3.70 1.29
N GLU A 53 28.23 3.93 0.21
CA GLU A 53 29.54 4.55 0.29
C GLU A 53 29.53 5.84 1.10
N GLY A 54 30.37 5.89 2.14
CA GLY A 54 30.39 7.01 3.06
C GLY A 54 29.29 6.87 4.10
N SER A 55 28.98 5.61 4.44
CA SER A 55 27.89 5.32 5.37
C SER A 55 28.31 5.37 6.83
N MET A 56 29.52 4.90 7.13
CA MET A 56 30.00 4.87 8.51
C MET A 56 31.51 4.71 8.65
N SER A 57 31.97 4.60 9.89
CA SER A 57 33.39 4.45 10.18
C SER A 57 33.89 3.10 9.66
N GLU A 58 34.28 3.08 8.39
CA GLU A 58 34.69 1.84 7.73
C GLU A 58 35.97 1.28 8.33
N ASP A 59 36.83 2.17 8.82
CA ASP A 59 38.02 1.75 9.55
C ASP A 59 37.59 1.08 10.85
N GLU A 60 36.54 1.62 11.47
CA GLU A 60 36.03 1.11 12.73
C GLU A 60 35.23 -0.17 12.52
N PHE A 61 34.37 -0.19 11.52
CA PHE A 61 33.57 -1.38 11.21
C PHE A 61 34.49 -2.54 10.85
N ILE A 62 35.23 -2.37 9.76
CA ILE A 62 36.15 -3.39 9.27
C ILE A 62 37.06 -3.90 10.38
N GLU A 63 37.43 -3.01 11.29
CA GLU A 63 38.26 -3.38 12.43
C GLU A 63 37.52 -4.34 13.34
N GLU A 64 36.44 -3.86 13.94
CA GLU A 64 35.62 -4.67 14.84
C GLU A 64 34.48 -5.34 14.08
N ALA A 65 34.83 -6.07 13.02
CA ALA A 65 33.86 -6.82 12.24
C ALA A 65 33.97 -8.31 12.55
N LYS A 66 35.19 -8.76 12.81
CA LYS A 66 35.45 -10.17 13.08
C LYS A 66 34.66 -10.69 14.28
N VAL A 67 34.40 -9.80 15.24
CA VAL A 67 33.61 -10.17 16.41
C VAL A 67 32.19 -10.49 15.96
N MET A 68 31.62 -9.59 15.16
CA MET A 68 30.27 -9.76 14.63
C MET A 68 30.17 -11.02 13.78
N MET A 69 31.14 -11.21 12.89
CA MET A 69 31.10 -12.30 11.92
C MET A 69 31.18 -13.68 12.59
N ASN A 70 31.93 -13.76 13.69
CA ASN A 70 32.10 -15.02 14.40
C ASN A 70 30.92 -15.40 15.28
N LEU A 71 29.93 -14.52 15.38
CA LEU A 71 28.71 -14.84 16.10
C LEU A 71 27.98 -15.95 15.36
N SER A 72 27.54 -16.97 16.10
CA SER A 72 26.89 -18.13 15.49
C SER A 72 25.74 -18.65 16.35
N HIS A 73 24.53 -18.56 15.80
CA HIS A 73 23.33 -19.09 16.46
C HIS A 73 22.25 -19.29 15.39
N GLU A 74 21.40 -20.28 15.62
CA GLU A 74 20.36 -20.66 14.65
C GLU A 74 19.40 -19.51 14.34
N LYS A 75 19.21 -18.61 15.29
CA LYS A 75 18.21 -17.56 15.19
C LYS A 75 18.83 -16.20 14.87
N LEU A 76 20.10 -16.22 14.47
CA LEU A 76 20.73 -15.07 13.86
C LEU A 76 20.80 -15.37 12.37
N VAL A 77 20.46 -14.38 11.54
CA VAL A 77 20.60 -14.55 10.09
C VAL A 77 22.05 -14.94 9.82
N GLN A 78 22.25 -15.98 9.01
CA GLN A 78 23.59 -16.53 8.84
C GLN A 78 24.45 -15.67 7.94
N LEU A 79 25.52 -15.11 8.50
CA LEU A 79 26.50 -14.35 7.75
C LEU A 79 27.48 -15.30 7.06
N TYR A 80 27.60 -15.16 5.74
CA TYR A 80 28.51 -15.99 4.95
C TYR A 80 29.88 -15.34 4.80
N GLY A 81 29.91 -14.01 4.69
CA GLY A 81 31.18 -13.31 4.59
C GLY A 81 31.04 -11.85 4.18
N VAL A 82 32.17 -11.23 3.85
CA VAL A 82 32.21 -9.82 3.49
C VAL A 82 33.23 -9.54 2.39
N CYS A 83 33.07 -8.42 1.71
CA CYS A 83 34.05 -7.93 0.74
C CYS A 83 34.49 -6.53 1.16
N THR A 84 35.66 -6.44 1.79
CA THR A 84 36.13 -5.19 2.39
C THR A 84 37.28 -4.54 1.62
N LYS A 85 37.88 -5.27 0.69
CA LYS A 85 38.98 -4.73 -0.10
C LYS A 85 38.46 -3.63 -1.01
N GLN A 86 37.33 -3.91 -1.66
CA GLN A 86 36.69 -2.97 -2.57
C GLN A 86 35.80 -1.99 -1.82
N ARG A 87 35.19 -1.07 -2.57
CA ARG A 87 34.10 -0.24 -2.08
C ARG A 87 33.02 -0.22 -3.17
N PRO A 88 31.74 -0.34 -2.78
CA PRO A 88 31.19 -0.42 -1.42
C PRO A 88 31.51 -1.74 -0.72
N ILE A 89 31.53 -1.71 0.61
CA ILE A 89 31.67 -2.90 1.41
C ILE A 89 30.44 -3.78 1.24
N PHE A 90 30.65 -5.06 0.92
CA PHE A 90 29.56 -6.02 0.82
C PHE A 90 29.41 -6.79 2.12
N ILE A 91 28.17 -7.13 2.46
CA ILE A 91 27.88 -8.08 3.52
C ILE A 91 26.94 -9.15 2.95
N ILE A 92 27.39 -10.40 2.98
CA ILE A 92 26.67 -11.49 2.36
C ILE A 92 26.06 -12.43 3.41
N THR A 93 24.75 -12.60 3.34
CA THR A 93 24.02 -13.49 4.26
C THR A 93 23.23 -14.53 3.48
N GLU A 94 22.68 -15.50 4.20
CA GLU A 94 21.72 -16.42 3.62
C GLU A 94 20.53 -15.61 3.12
N TYR A 95 19.83 -16.13 2.12
CA TYR A 95 18.62 -15.48 1.63
C TYR A 95 17.45 -15.88 2.51
N MET A 96 16.71 -14.88 2.98
CA MET A 96 15.53 -15.08 3.83
C MET A 96 14.29 -14.80 3.01
N ALA A 97 13.64 -15.87 2.57
CA ALA A 97 12.64 -15.80 1.51
C ALA A 97 11.37 -15.03 1.88
N ASN A 98 11.11 -14.88 3.17
CA ASN A 98 9.90 -14.19 3.64
C ASN A 98 10.15 -12.74 4.08
N GLY A 99 11.35 -12.25 3.84
CA GLY A 99 11.65 -10.83 4.02
C GLY A 99 11.62 -10.33 5.46
N CYS A 100 11.43 -9.02 5.61
CA CYS A 100 11.43 -8.38 6.92
C CYS A 100 10.18 -8.75 7.71
N LEU A 101 10.34 -8.95 9.01
CA LEU A 101 9.24 -9.39 9.87
C LEU A 101 8.07 -8.41 9.86
N LEU A 102 8.37 -7.13 9.74
CA LEU A 102 7.35 -6.10 9.78
C LEU A 102 6.34 -6.27 8.64
N ASN A 103 6.85 -6.46 7.43
CA ASN A 103 6.00 -6.70 6.27
C ASN A 103 5.28 -8.03 6.40
N TYR A 104 5.99 -9.02 6.93
CA TYR A 104 5.43 -10.36 7.14
C TYR A 104 4.24 -10.30 8.10
N LEU A 105 4.37 -9.48 9.15
CA LEU A 105 3.29 -9.33 10.13
C LEU A 105 2.09 -8.60 9.55
N ARG A 106 2.35 -7.60 8.70
CA ARG A 106 1.30 -6.73 8.18
C ARG A 106 0.49 -7.38 7.06
N GLU A 107 1.08 -8.36 6.37
CA GLU A 107 0.39 -9.10 5.32
C GLU A 107 -0.90 -9.73 5.84
N MET A 108 -2.03 -9.24 5.37
CA MET A 108 -3.33 -9.63 5.92
C MET A 108 -3.76 -11.04 5.51
N ARG A 109 -3.15 -11.58 4.46
CA ARG A 109 -3.49 -12.93 4.00
C ARG A 109 -3.00 -14.03 4.93
N HIS A 110 -2.13 -13.68 5.87
CA HIS A 110 -1.49 -14.68 6.72
C HIS A 110 -2.43 -15.20 7.82
N ARG A 111 -3.21 -14.32 8.42
CA ARG A 111 -4.20 -14.71 9.43
C ARG A 111 -3.56 -15.50 10.57
N PHE A 112 -2.63 -14.87 11.28
CA PHE A 112 -1.87 -15.56 12.31
C PHE A 112 -2.70 -16.04 13.49
N GLN A 113 -2.27 -17.15 14.09
CA GLN A 113 -2.75 -17.59 15.40
C GLN A 113 -1.74 -17.11 16.44
N THR A 114 -2.20 -16.84 17.65
CA THR A 114 -1.32 -16.35 18.71
C THR A 114 -0.20 -17.35 19.01
N GLN A 115 -0.43 -18.62 18.67
CA GLN A 115 0.58 -19.65 18.86
C GLN A 115 1.80 -19.33 18.01
N GLN A 116 1.54 -18.84 16.80
CA GLN A 116 2.62 -18.51 15.87
C GLN A 116 3.33 -17.24 16.31
N LEU A 117 2.56 -16.29 16.84
CA LEU A 117 3.12 -15.03 17.33
C LEU A 117 4.08 -15.27 18.50
N LEU A 118 3.68 -16.15 19.42
CA LEU A 118 4.51 -16.47 20.57
C LEU A 118 5.79 -17.17 20.12
N GLU A 119 5.70 -17.98 19.08
CA GLU A 119 6.87 -18.68 18.55
C GLU A 119 7.85 -17.69 17.95
N MET A 120 7.34 -16.65 17.31
CA MET A 120 8.18 -15.57 16.79
C MET A 120 8.95 -14.91 17.93
N CYS A 121 8.26 -14.69 19.05
CA CYS A 121 8.87 -14.08 20.22
C CYS A 121 9.95 -14.97 20.82
N LYS A 122 9.75 -16.29 20.75
CA LYS A 122 10.74 -17.23 21.26
C LYS A 122 11.97 -17.24 20.36
N ASP A 123 11.75 -17.26 19.05
CA ASP A 123 12.85 -17.24 18.08
C ASP A 123 13.79 -16.08 18.36
N VAL A 124 13.23 -14.88 18.48
CA VAL A 124 14.03 -13.68 18.69
C VAL A 124 14.68 -13.69 20.07
N CYS A 125 13.94 -14.13 21.08
CA CYS A 125 14.46 -14.17 22.45
C CYS A 125 15.67 -15.11 22.56
N GLU A 126 15.62 -16.22 21.84
CA GLU A 126 16.75 -17.15 21.82
C GLU A 126 17.99 -16.49 21.23
N ALA A 127 17.80 -15.74 20.14
CA ALA A 127 18.89 -15.02 19.50
C ALA A 127 19.46 -13.96 20.44
N MET A 128 18.59 -13.21 21.11
CA MET A 128 19.01 -12.15 22.00
C MET A 128 19.66 -12.69 23.26
N GLU A 129 19.20 -13.85 23.73
CA GLU A 129 19.85 -14.53 24.85
C GLU A 129 21.30 -14.84 24.49
N TYR A 130 21.51 -15.34 23.28
CA TYR A 130 22.85 -15.66 22.80
C TYR A 130 23.73 -14.41 22.75
N LEU A 131 23.21 -13.34 22.17
CA LEU A 131 23.96 -12.10 22.06
C LEU A 131 24.31 -11.53 23.44
N GLU A 132 23.38 -11.68 24.38
CA GLU A 132 23.58 -11.22 25.74
C GLU A 132 24.70 -12.00 26.42
N SER A 133 24.81 -13.28 26.10
CA SER A 133 25.85 -14.14 26.68
C SER A 133 27.22 -13.85 26.06
N LYS A 134 27.23 -13.12 24.95
CA LYS A 134 28.47 -12.71 24.30
C LYS A 134 28.73 -11.22 24.51
N GLN A 135 27.93 -10.59 25.38
CA GLN A 135 28.03 -9.16 25.64
C GLN A 135 28.03 -8.34 24.34
N PHE A 136 27.20 -8.74 23.39
CA PHE A 136 27.09 -8.05 22.12
C PHE A 136 25.73 -7.38 22.01
N LEU A 137 25.72 -6.06 21.98
CA LEU A 137 24.47 -5.29 21.92
C LEU A 137 23.96 -5.13 20.49
N HIS A 138 22.64 -5.25 20.32
CA HIS A 138 22.01 -5.06 19.02
C HIS A 138 21.87 -3.57 18.70
N ARG A 139 21.39 -2.83 19.70
CA ARG A 139 21.26 -1.36 19.65
CA ARG A 139 21.27 -1.37 19.65
C ARG A 139 20.10 -0.86 18.80
N ASP A 140 19.51 -1.71 17.98
CA ASP A 140 18.38 -1.28 17.14
C ASP A 140 17.43 -2.43 16.82
N LEU A 141 17.02 -3.17 17.84
CA LEU A 141 16.10 -4.29 17.64
C LEU A 141 14.71 -3.77 17.28
N ALA A 142 14.14 -4.33 16.23
CA ALA A 142 12.80 -3.97 15.77
C ALA A 142 12.33 -4.96 14.72
N ALA A 143 11.03 -4.97 14.45
CA ALA A 143 10.48 -5.89 13.47
C ALA A 143 11.00 -5.58 12.07
N ARG A 144 11.28 -4.30 11.81
CA ARG A 144 11.74 -3.87 10.50
C ARG A 144 13.07 -4.53 10.09
N ASN A 145 13.86 -4.94 11.08
CA ASN A 145 15.15 -5.57 10.82
C ASN A 145 15.32 -6.96 11.44
N CYS A 146 14.20 -7.63 11.69
CA CYS A 146 14.20 -9.08 11.84
C CYS A 146 13.85 -9.64 10.47
N LEU A 147 14.29 -10.87 10.21
CA LEU A 147 14.02 -11.51 8.92
C LEU A 147 13.33 -12.85 9.12
N VAL A 148 12.58 -13.28 8.12
CA VAL A 148 11.83 -14.52 8.16
C VAL A 148 12.20 -15.39 6.98
N ASN A 149 12.52 -16.66 7.22
CA ASN A 149 12.88 -17.57 6.15
C ASN A 149 11.65 -18.29 5.57
N ASP A 150 11.89 -19.22 4.65
CA ASP A 150 10.81 -19.90 3.95
C ASP A 150 9.98 -20.77 4.87
N GLN A 151 10.56 -21.21 5.98
CA GLN A 151 9.86 -22.06 6.94
C GLN A 151 9.22 -21.27 8.08
N GLY A 152 9.24 -19.94 7.95
CA GLY A 152 8.56 -19.08 8.91
C GLY A 152 9.33 -18.84 10.18
N VAL A 153 10.61 -19.22 10.21
CA VAL A 153 11.46 -18.97 11.35
C VAL A 153 11.96 -17.54 11.31
N VAL A 154 11.83 -16.84 12.43
CA VAL A 154 12.30 -15.46 12.54
C VAL A 154 13.73 -15.46 13.03
N LYS A 155 14.55 -14.60 12.42
CA LYS A 155 15.94 -14.46 12.84
C LYS A 155 16.28 -12.97 12.99
N VAL A 156 17.21 -12.68 13.90
CA VAL A 156 17.65 -11.32 14.14
C VAL A 156 18.70 -10.94 13.10
N SER A 157 18.64 -9.67 12.67
CA SER A 157 19.53 -9.16 11.62
C SER A 157 19.99 -7.74 11.92
N ASP A 158 20.99 -7.27 11.18
CA ASP A 158 21.56 -5.93 11.36
C ASP A 158 22.06 -5.66 12.78
N PHE A 159 22.44 -6.71 13.49
CA PHE A 159 22.86 -6.56 14.90
C PHE A 159 24.20 -5.84 15.05
N GLY A 160 24.18 -4.74 15.80
CA GLY A 160 25.40 -4.00 16.12
C GLY A 160 25.83 -2.95 15.12
N LEU A 161 25.14 -2.88 13.98
CA LEU A 161 25.53 -1.97 12.91
C LEU A 161 25.38 -0.49 13.29
N SER A 162 24.50 -0.21 14.24
CA SER A 162 24.22 1.16 14.65
C SER A 162 25.48 1.87 15.16
N ARG A 163 26.41 1.11 15.72
CA ARG A 163 27.63 1.67 16.31
C ARG A 163 28.39 2.58 15.35
N TYR A 164 28.36 2.24 14.07
CA TYR A 164 29.23 2.88 13.10
C TYR A 164 28.50 3.85 12.18
N VAL A 165 27.23 4.11 12.47
CA VAL A 165 26.47 5.11 11.72
C VAL A 165 27.12 6.49 11.88
N LEU A 166 27.33 7.17 10.77
CA LEU A 166 28.01 8.47 10.77
C LEU A 166 27.02 9.62 10.98
N ASP A 167 25.84 9.51 10.37
CA ASP A 167 24.82 10.55 10.45
C ASP A 167 24.30 10.67 11.88
N ASP A 168 24.45 11.88 12.45
CA ASP A 168 23.97 12.15 13.80
C ASP A 168 22.44 12.16 13.83
N GLU A 169 21.81 12.19 12.66
CA GLU A 169 20.35 12.13 12.57
C GLU A 169 19.85 10.76 13.00
N TYR A 170 20.72 9.76 12.89
CA TYR A 170 20.40 8.39 13.28
C TYR A 170 21.12 8.00 14.57
N THR A 171 22.22 8.69 14.85
CA THR A 171 23.07 8.34 15.99
C THR A 171 22.66 9.01 17.30
N SER A 172 22.28 10.29 17.21
CA SER A 172 21.90 11.04 18.40
C SER A 172 20.45 10.76 18.77
N SER A 173 20.19 10.57 20.06
CA SER A 173 18.86 10.30 20.58
C SER A 173 17.85 11.34 20.10
N VAL A 174 18.29 12.59 20.06
CA VAL A 174 17.43 13.68 19.60
C VAL A 174 17.39 13.78 18.08
N GLY A 175 18.08 12.86 17.40
CA GLY A 175 18.16 12.88 15.95
C GLY A 175 16.84 12.56 15.28
N SER A 176 16.75 12.90 13.99
CA SER A 176 15.52 12.74 13.23
C SER A 176 15.21 11.27 12.93
N LYS A 177 16.24 10.49 12.65
CA LYS A 177 16.08 9.09 12.26
C LYS A 177 16.36 8.10 13.39
N PHE A 178 16.48 8.62 14.61
CA PHE A 178 16.76 7.78 15.78
C PHE A 178 15.54 6.90 16.10
N PRO A 179 15.77 5.65 16.52
CA PRO A 179 14.64 4.77 16.85
C PRO A 179 14.05 5.07 18.24
N VAL A 180 13.46 6.26 18.37
CA VAL A 180 12.87 6.70 19.64
C VAL A 180 11.86 5.69 20.19
N ARG A 181 10.98 5.20 19.32
CA ARG A 181 9.85 4.38 19.74
C ARG A 181 10.26 3.04 20.36
N TRP A 182 11.50 2.63 20.12
CA TRP A 182 12.01 1.37 20.66
C TRP A 182 13.02 1.61 21.79
N SER A 183 13.13 2.85 22.24
CA SER A 183 14.16 3.23 23.20
C SER A 183 13.62 3.49 24.61
N PRO A 184 14.39 3.14 25.65
CA PRO A 184 14.01 3.42 27.03
C PRO A 184 14.37 4.85 27.45
N PRO A 185 13.87 5.30 28.60
CA PRO A 185 14.15 6.65 29.11
C PRO A 185 15.64 7.00 29.15
N GLU A 186 16.48 6.09 29.65
CA GLU A 186 17.89 6.40 29.85
C GLU A 186 18.66 6.56 28.54
N VAL A 187 18.11 6.03 27.45
CA VAL A 187 18.71 6.22 26.12
C VAL A 187 18.29 7.56 25.54
N LEU A 188 17.00 7.86 25.66
CA LEU A 188 16.44 9.09 25.12
C LEU A 188 17.00 10.32 25.83
N MET A 189 17.19 10.20 27.14
CA MET A 189 17.66 11.32 27.96
C MET A 189 19.18 11.35 28.09
N TYR A 190 19.78 10.19 28.35
CA TYR A 190 21.19 10.12 28.72
C TYR A 190 22.05 9.27 27.78
N SER A 191 21.46 8.80 26.69
CA SER A 191 22.18 7.99 25.70
C SER A 191 22.91 6.79 26.32
N LYS A 192 22.33 6.20 27.36
CA LYS A 192 22.92 5.03 28.01
C LYS A 192 22.45 3.73 27.37
N PHE A 193 23.25 3.20 26.46
CA PHE A 193 22.97 1.90 25.86
C PHE A 193 23.58 0.79 26.71
N SER A 194 22.78 -0.25 26.95
CA SER A 194 23.24 -1.40 27.71
C SER A 194 22.44 -2.63 27.32
N SER A 195 22.67 -3.74 28.02
CA SER A 195 21.87 -4.94 27.84
C SER A 195 20.40 -4.65 28.10
N LYS A 196 20.15 -3.72 29.01
CA LYS A 196 18.79 -3.42 29.45
C LYS A 196 18.03 -2.55 28.45
N SER A 197 18.75 -1.89 27.56
CA SER A 197 18.09 -1.12 26.49
C SER A 197 17.63 -2.05 25.38
N ASP A 198 18.37 -3.12 25.14
CA ASP A 198 17.94 -4.16 24.21
C ASP A 198 16.75 -4.90 24.77
N ILE A 199 16.72 -5.06 26.09
CA ILE A 199 15.57 -5.66 26.78
C ILE A 199 14.32 -4.83 26.48
N TRP A 200 14.42 -3.52 26.71
CA TRP A 200 13.32 -2.60 26.45
C TRP A 200 12.84 -2.75 25.01
N ALA A 201 13.77 -2.75 24.07
CA ALA A 201 13.42 -2.82 22.65
C ALA A 201 12.70 -4.12 22.32
N PHE A 202 13.16 -5.22 22.91
CA PHE A 202 12.53 -6.52 22.68
C PHE A 202 11.08 -6.51 23.14
N GLY A 203 10.80 -5.74 24.19
CA GLY A 203 9.45 -5.61 24.70
C GLY A 203 8.56 -4.93 23.67
N VAL A 204 9.08 -3.89 23.05
CA VAL A 204 8.34 -3.16 22.02
C VAL A 204 8.15 -4.07 20.80
N LEU A 205 9.15 -4.89 20.51
CA LEU A 205 9.05 -5.85 19.41
C LEU A 205 7.93 -6.85 19.65
N MET A 206 7.83 -7.35 20.88
CA MET A 206 6.73 -8.26 21.23
C MET A 206 5.40 -7.56 20.97
N TRP A 207 5.34 -6.27 21.28
CA TRP A 207 4.14 -5.48 21.06
C TRP A 207 3.86 -5.33 19.57
N GLU A 208 4.92 -5.16 18.78
CA GLU A 208 4.78 -5.11 17.32
C GLU A 208 4.21 -6.43 16.81
N ILE A 209 4.72 -7.54 17.35
CA ILE A 209 4.30 -8.86 16.91
C ILE A 209 2.82 -9.09 17.22
N TYR A 210 2.43 -8.88 18.47
CA TYR A 210 1.05 -9.12 18.88
C TYR A 210 0.07 -8.08 18.36
N SER A 211 0.61 -6.98 17.82
CA SER A 211 -0.21 -5.97 17.17
C SER A 211 -0.25 -6.16 15.66
N LEU A 212 0.37 -7.24 15.19
CA LEU A 212 0.42 -7.55 13.76
C LEU A 212 1.01 -6.39 12.97
N GLY A 213 2.03 -5.74 13.53
CA GLY A 213 2.84 -4.78 12.80
C GLY A 213 2.44 -3.31 12.92
N LYS A 214 1.52 -2.99 13.82
CA LYS A 214 1.15 -1.59 14.05
C LYS A 214 2.36 -0.80 14.56
N MET A 215 2.41 0.49 14.24
CA MET A 215 3.49 1.34 14.71
C MET A 215 3.29 1.64 16.20
N PRO A 216 4.36 1.50 17.01
CA PRO A 216 4.24 1.87 18.42
C PRO A 216 3.99 3.36 18.62
N TYR A 217 3.03 3.71 19.47
CA TYR A 217 2.71 5.11 19.77
C TYR A 217 2.35 5.91 18.52
N GLU A 218 1.55 5.31 17.65
CA GLU A 218 1.30 5.89 16.32
C GLU A 218 0.71 7.31 16.37
N ARG A 219 -0.16 7.56 17.34
CA ARG A 219 -0.84 8.86 17.42
C ARG A 219 0.11 10.01 17.76
N PHE A 220 1.31 9.66 18.20
CA PHE A 220 2.33 10.65 18.54
C PHE A 220 3.45 10.66 17.51
N THR A 221 4.04 11.84 17.30
CA THR A 221 5.24 11.94 16.49
C THR A 221 6.41 11.45 17.33
N ASN A 222 7.60 11.40 16.73
CA ASN A 222 8.77 10.89 17.42
C ASN A 222 9.20 11.77 18.60
N SER A 223 9.03 13.08 18.45
CA SER A 223 9.41 14.02 19.50
CA SER A 223 9.41 14.02 19.50
C SER A 223 8.38 14.01 20.63
N GLU A 224 7.12 13.76 20.28
CA GLU A 224 6.06 13.67 21.27
C GLU A 224 6.19 12.38 22.05
N THR A 225 6.50 11.29 21.35
CA THR A 225 6.70 9.99 21.99
C THR A 225 7.83 10.08 23.00
N ALA A 226 8.94 10.70 22.58
CA ALA A 226 10.08 10.89 23.47
C ALA A 226 9.65 11.64 24.72
N GLU A 227 8.86 12.70 24.53
CA GLU A 227 8.39 13.53 25.62
C GLU A 227 7.47 12.76 26.57
N HIS A 228 6.75 11.77 26.04
CA HIS A 228 5.76 11.04 26.83
C HIS A 228 6.34 9.79 27.52
N ILE A 229 7.34 9.17 26.89
CA ILE A 229 8.01 8.01 27.49
C ILE A 229 8.59 8.37 28.85
N ALA A 230 9.59 9.24 28.87
CA ALA A 230 9.90 9.95 30.09
C ALA A 230 8.60 10.66 30.40
N GLN A 231 8.11 10.51 31.63
CA GLN A 231 6.76 10.93 32.06
C GLN A 231 5.82 9.72 32.17
N GLY A 232 6.30 8.55 31.73
CA GLY A 232 5.69 7.29 32.10
C GLY A 232 4.71 6.65 31.14
N LEU A 233 4.64 7.13 29.90
CA LEU A 233 3.79 6.48 28.91
C LEU A 233 4.33 5.08 28.62
N ARG A 234 3.42 4.11 28.55
CA ARG A 234 3.76 2.74 28.23
C ARG A 234 2.76 2.19 27.23
N LEU A 235 3.21 1.27 26.39
CA LEU A 235 2.34 0.67 25.38
C LEU A 235 1.21 -0.13 26.04
N TYR A 236 0.00 0.08 25.56
CA TYR A 236 -1.17 -0.63 26.06
C TYR A 236 -1.14 -2.08 25.61
N ARG A 237 -2.09 -2.87 26.11
CA ARG A 237 -2.14 -4.30 25.82
C ARG A 237 -2.80 -4.53 24.47
N PRO A 238 -2.09 -5.20 23.54
CA PRO A 238 -2.75 -5.51 22.26
C PRO A 238 -3.91 -6.48 22.45
N HIS A 239 -4.89 -6.42 21.56
CA HIS A 239 -6.08 -7.27 21.66
C HIS A 239 -5.72 -8.76 21.67
N LEU A 240 -4.75 -9.15 20.86
CA LEU A 240 -4.38 -10.57 20.72
C LEU A 240 -3.50 -11.07 21.86
N ALA A 241 -3.07 -10.16 22.74
CA ALA A 241 -2.18 -10.54 23.83
C ALA A 241 -2.97 -10.86 25.10
N SER A 242 -2.70 -12.05 25.66
CA SER A 242 -3.27 -12.42 26.94
C SER A 242 -2.58 -11.61 28.04
N GLU A 243 -3.09 -11.71 29.26
CA GLU A 243 -2.52 -10.99 30.39
C GLU A 243 -1.11 -11.49 30.71
N LYS A 244 -0.87 -12.78 30.49
CA LYS A 244 0.43 -13.37 30.78
C LYS A 244 1.48 -12.90 29.77
N VAL A 245 1.08 -12.83 28.51
CA VAL A 245 1.95 -12.32 27.45
C VAL A 245 2.25 -10.84 27.69
N TYR A 246 1.22 -10.09 28.06
CA TYR A 246 1.37 -8.66 28.29
C TYR A 246 2.30 -8.42 29.50
N THR A 247 2.19 -9.28 30.50
CA THR A 247 3.04 -9.18 31.68
C THR A 247 4.51 -9.34 31.29
N ILE A 248 4.78 -10.25 30.35
CA ILE A 248 6.15 -10.49 29.89
C ILE A 248 6.72 -9.26 29.21
N MET A 249 5.99 -8.71 28.23
CA MET A 249 6.51 -7.57 27.48
C MET A 249 6.58 -6.33 28.37
N TYR A 250 5.63 -6.20 29.30
CA TYR A 250 5.59 -5.04 30.18
C TYR A 250 6.76 -5.04 31.16
N SER A 251 7.22 -6.23 31.55
CA SER A 251 8.35 -6.36 32.45
C SER A 251 9.62 -5.79 31.83
N CYS A 252 9.62 -5.64 30.51
CA CYS A 252 10.78 -5.10 29.81
C CYS A 252 10.87 -3.59 29.92
N TRP A 253 9.83 -2.96 30.46
CA TRP A 253 9.73 -1.50 30.44
C TRP A 253 9.81 -0.85 31.82
N HIS A 254 10.41 -1.54 32.78
CA HIS A 254 10.67 -0.94 34.10
C HIS A 254 11.47 0.33 33.91
N GLU A 255 11.07 1.40 34.61
CA GLU A 255 11.73 2.69 34.52
C GLU A 255 13.21 2.54 34.85
N LYS A 256 13.51 1.92 35.98
CA LYS A 256 14.88 1.65 36.37
C LYS A 256 15.41 0.44 35.62
N ALA A 257 16.47 0.63 34.85
CA ALA A 257 17.00 -0.40 33.97
C ALA A 257 17.34 -1.69 34.70
N ASP A 258 17.90 -1.58 35.90
CA ASP A 258 18.39 -2.75 36.63
C ASP A 258 17.25 -3.59 37.20
N GLU A 259 16.01 -3.14 37.01
CA GLU A 259 14.84 -3.90 37.47
C GLU A 259 14.25 -4.75 36.35
N ARG A 260 14.78 -4.59 35.14
CA ARG A 260 14.29 -5.35 33.99
C ARG A 260 14.94 -6.73 33.97
N PRO A 261 14.21 -7.74 33.47
CA PRO A 261 14.76 -9.10 33.40
C PRO A 261 15.91 -9.22 32.42
N THR A 262 16.53 -10.40 32.38
CA THR A 262 17.51 -10.73 31.37
C THR A 262 16.82 -11.53 30.29
N PHE A 263 17.50 -11.79 29.19
CA PHE A 263 16.89 -12.57 28.11
C PHE A 263 16.75 -14.04 28.50
N LYS A 264 17.54 -14.49 29.47
CA LYS A 264 17.41 -15.84 29.99
C LYS A 264 16.08 -15.99 30.70
N ILE A 265 15.76 -15.02 31.54
CA ILE A 265 14.51 -15.00 32.30
C ILE A 265 13.32 -14.86 31.35
N LEU A 266 13.43 -13.94 30.39
CA LEU A 266 12.36 -13.74 29.40
C LEU A 266 12.06 -15.02 28.64
N LEU A 267 13.11 -15.70 28.19
CA LEU A 267 12.94 -16.95 27.45
C LEU A 267 12.21 -17.98 28.31
N SER A 268 12.56 -18.02 29.59
CA SER A 268 11.92 -18.96 30.52
CA SER A 268 11.93 -18.95 30.52
C SER A 268 10.44 -18.63 30.68
N ASN A 269 10.12 -17.35 30.81
CA ASN A 269 8.72 -16.93 30.93
C ASN A 269 7.94 -17.33 29.69
N ILE A 270 8.52 -17.05 28.53
CA ILE A 270 7.90 -17.37 27.25
C ILE A 270 7.66 -18.87 27.11
N LEU A 271 8.60 -19.68 27.56
CA LEU A 271 8.45 -21.14 27.46
C LEU A 271 7.38 -21.66 28.41
N ASP A 272 7.19 -21.00 29.54
CA ASP A 272 6.13 -21.39 30.48
C ASP A 272 4.75 -21.14 29.86
N VAL A 273 4.54 -19.95 29.30
CA VAL A 273 3.29 -19.62 28.63
C VAL A 273 3.03 -20.62 27.51
N MET A 274 4.08 -20.96 26.78
CA MET A 274 3.98 -21.88 25.66
C MET A 274 3.47 -23.24 26.14
N ASP A 275 3.97 -23.65 27.30
CA ASP A 275 3.58 -24.94 27.88
C ASP A 275 2.15 -24.91 28.43
N GLU A 276 1.59 -23.71 28.59
CA GLU A 276 0.22 -23.55 29.06
C GLU A 276 -0.77 -23.47 27.90
N GLU A 277 -0.26 -23.18 26.70
CA GLU A 277 -1.11 -22.98 25.53
C GLU A 277 -2.17 -21.93 25.79
N LEU B 9 5.17 3.42 -19.75
CA LEU B 9 3.77 3.01 -19.83
C LEU B 9 3.66 1.50 -19.92
N GLY B 10 3.04 1.02 -21.00
CA GLY B 10 2.93 -0.42 -21.21
C GLY B 10 3.82 -0.86 -22.36
N TYR B 11 3.20 -1.37 -23.41
CA TYR B 11 3.90 -1.78 -24.63
C TYR B 11 5.14 -2.63 -24.33
N GLY B 12 4.93 -3.77 -23.70
CA GLY B 12 6.02 -4.67 -23.36
C GLY B 12 6.15 -4.86 -21.86
N SER B 13 6.06 -3.75 -21.13
CA SER B 13 6.14 -3.79 -19.68
C SER B 13 4.75 -3.60 -19.06
N TRP B 14 4.06 -4.71 -18.84
CA TRP B 14 2.72 -4.71 -18.29
C TRP B 14 2.71 -5.38 -16.91
N GLU B 15 3.40 -6.51 -16.84
CA GLU B 15 3.26 -7.42 -15.71
C GLU B 15 4.03 -6.98 -14.47
N ILE B 16 3.42 -7.22 -13.32
CA ILE B 16 4.07 -7.03 -12.03
C ILE B 16 4.29 -8.40 -11.41
N ASP B 17 5.40 -8.57 -10.70
CA ASP B 17 5.64 -9.79 -9.96
C ASP B 17 4.66 -9.82 -8.77
N PRO B 18 3.74 -10.80 -8.75
CA PRO B 18 2.78 -10.81 -7.63
C PRO B 18 3.45 -11.01 -6.27
N LYS B 19 4.65 -11.58 -6.28
CA LYS B 19 5.40 -11.79 -5.05
C LYS B 19 5.88 -10.47 -4.46
N ASP B 20 5.81 -9.40 -5.24
CA ASP B 20 6.24 -8.07 -4.80
C ASP B 20 5.09 -7.25 -4.21
N LEU B 21 3.92 -7.86 -4.05
CA LEU B 21 2.76 -7.17 -3.52
C LEU B 21 2.40 -7.63 -2.11
N THR B 22 2.17 -6.67 -1.21
CA THR B 22 1.71 -6.95 0.14
C THR B 22 0.29 -6.41 0.33
N PHE B 23 -0.64 -7.28 0.71
CA PHE B 23 -1.99 -6.84 1.04
C PHE B 23 -2.01 -6.28 2.45
N LEU B 24 -2.56 -5.08 2.61
CA LEU B 24 -2.57 -4.41 3.92
C LEU B 24 -3.97 -4.25 4.51
N LYS B 25 -4.92 -3.77 3.71
CA LYS B 25 -6.29 -3.59 4.20
C LYS B 25 -7.33 -3.74 3.08
N GLU B 26 -8.54 -4.13 3.48
CA GLU B 26 -9.66 -4.18 2.56
C GLU B 26 -10.11 -2.76 2.25
N LEU B 27 -10.35 -2.48 0.97
CA LEU B 27 -10.91 -1.19 0.56
C LEU B 27 -12.36 -1.34 0.14
N GLY B 28 -12.90 -2.55 0.29
CA GLY B 28 -14.26 -2.84 -0.10
C GLY B 28 -14.33 -3.45 -1.48
N THR B 29 -15.55 -3.76 -1.92
CA THR B 29 -15.76 -4.35 -3.24
C THR B 29 -16.14 -3.26 -4.24
N GLY B 30 -15.29 -3.08 -5.25
CA GLY B 30 -15.55 -2.16 -6.33
C GLY B 30 -16.26 -2.86 -7.46
N GLN B 31 -16.36 -2.19 -8.60
CA GLN B 31 -16.99 -2.78 -9.78
C GLN B 31 -16.18 -3.94 -10.34
N PHE B 32 -16.80 -5.12 -10.40
CA PHE B 32 -16.21 -6.29 -11.02
C PHE B 32 -15.00 -6.86 -10.28
N GLY B 33 -14.82 -6.49 -9.02
CA GLY B 33 -13.72 -7.05 -8.25
C GLY B 33 -13.50 -6.44 -6.87
N VAL B 34 -13.03 -7.28 -5.96
CA VAL B 34 -12.61 -6.84 -4.63
C VAL B 34 -11.34 -6.00 -4.77
N VAL B 35 -11.23 -4.94 -3.96
CA VAL B 35 -10.08 -4.06 -4.01
C VAL B 35 -9.35 -4.04 -2.66
N LYS B 36 -8.02 -4.09 -2.72
CA LYS B 36 -7.17 -4.11 -1.54
C LYS B 36 -6.22 -2.94 -1.54
N TYR B 37 -5.97 -2.38 -0.36
CA TYR B 37 -4.87 -1.43 -0.18
C TYR B 37 -3.63 -2.24 0.16
N GLY B 38 -2.50 -1.87 -0.43
CA GLY B 38 -1.27 -2.61 -0.22
C GLY B 38 -0.02 -1.82 -0.59
N LYS B 39 1.12 -2.48 -0.48
CA LYS B 39 2.40 -1.90 -0.86
C LYS B 39 3.02 -2.67 -2.01
N TRP B 40 3.72 -1.96 -2.88
CA TRP B 40 4.41 -2.55 -4.01
C TRP B 40 5.91 -2.56 -3.74
N ARG B 41 6.48 -3.76 -3.68
CA ARG B 41 7.90 -3.93 -3.39
C ARG B 41 8.22 -3.44 -1.98
N GLY B 42 7.24 -3.56 -1.09
CA GLY B 42 7.42 -3.18 0.31
C GLY B 42 7.56 -1.68 0.53
N GLN B 43 7.39 -0.89 -0.52
CA GLN B 43 7.59 0.56 -0.45
C GLN B 43 6.40 1.40 -0.91
N TYR B 44 6.03 1.26 -2.19
CA TYR B 44 5.05 2.14 -2.81
C TYR B 44 3.60 1.75 -2.51
N ASP B 45 2.83 2.72 -2.01
CA ASP B 45 1.41 2.50 -1.77
C ASP B 45 0.67 2.28 -3.08
N VAL B 46 -0.09 1.19 -3.14
CA VAL B 46 -0.90 0.88 -4.31
C VAL B 46 -2.27 0.37 -3.90
N ALA B 47 -3.18 0.33 -4.87
CA ALA B 47 -4.44 -0.38 -4.72
C ALA B 47 -4.42 -1.52 -5.73
N ILE B 48 -5.00 -2.66 -5.34
CA ILE B 48 -5.03 -3.84 -6.19
C ILE B 48 -6.45 -4.34 -6.33
N LYS B 49 -6.97 -4.30 -7.56
CA LYS B 49 -8.28 -4.86 -7.84
C LYS B 49 -8.14 -6.28 -8.34
N MET B 50 -8.82 -7.20 -7.66
CA MET B 50 -8.81 -8.61 -8.02
C MET B 50 -10.04 -8.94 -8.85
N ILE B 51 -9.83 -9.17 -10.14
CA ILE B 51 -10.92 -9.49 -11.06
C ILE B 51 -11.39 -10.92 -10.85
N LYS B 52 -12.64 -11.08 -10.44
CA LYS B 52 -13.22 -12.39 -10.16
C LYS B 52 -13.00 -13.36 -11.31
N GLU B 53 -12.50 -14.55 -10.99
CA GLU B 53 -12.24 -15.56 -12.00
C GLU B 53 -13.53 -16.07 -12.62
N GLY B 54 -13.55 -16.14 -13.95
CA GLY B 54 -14.70 -16.63 -14.68
C GLY B 54 -15.72 -15.55 -15.01
N SER B 55 -15.44 -14.32 -14.58
CA SER B 55 -16.36 -13.22 -14.83
C SER B 55 -16.13 -12.57 -16.18
N MET B 56 -14.92 -12.70 -16.71
CA MET B 56 -14.55 -12.09 -17.98
C MET B 56 -14.15 -13.13 -19.01
N SER B 57 -14.37 -12.84 -20.28
CA SER B 57 -13.80 -13.62 -21.37
C SER B 57 -12.29 -13.44 -21.27
N GLU B 58 -11.63 -14.46 -20.72
CA GLU B 58 -10.24 -14.36 -20.27
C GLU B 58 -9.28 -13.68 -21.25
N ASP B 59 -9.06 -14.30 -22.40
CA ASP B 59 -8.06 -13.83 -23.34
C ASP B 59 -8.35 -12.42 -23.88
N GLU B 60 -9.62 -12.13 -24.15
CA GLU B 60 -10.00 -10.82 -24.64
C GLU B 60 -9.79 -9.78 -23.56
N PHE B 61 -10.13 -10.15 -22.33
CA PHE B 61 -9.96 -9.25 -21.18
C PHE B 61 -8.49 -8.94 -20.94
N ILE B 62 -7.64 -9.96 -21.01
CA ILE B 62 -6.21 -9.79 -20.77
C ILE B 62 -5.64 -8.86 -21.82
N GLU B 63 -6.06 -9.04 -23.07
CA GLU B 63 -5.65 -8.14 -24.14
C GLU B 63 -6.10 -6.72 -23.85
N GLU B 64 -7.32 -6.57 -23.36
CA GLU B 64 -7.88 -5.25 -23.07
C GLU B 64 -7.14 -4.59 -21.91
N ALA B 65 -6.77 -5.38 -20.91
CA ALA B 65 -6.06 -4.87 -19.74
C ALA B 65 -4.70 -4.28 -20.14
N LYS B 66 -4.06 -4.91 -21.12
CA LYS B 66 -2.80 -4.40 -21.64
C LYS B 66 -3.03 -3.07 -22.35
N VAL B 67 -4.12 -2.98 -23.10
CA VAL B 67 -4.47 -1.75 -23.80
C VAL B 67 -4.78 -0.64 -22.81
N MET B 68 -5.41 -0.98 -21.69
CA MET B 68 -5.69 -0.01 -20.63
C MET B 68 -4.38 0.62 -20.16
N MET B 69 -3.33 -0.21 -20.07
CA MET B 69 -2.04 0.25 -19.60
C MET B 69 -1.30 1.07 -20.66
N ASN B 70 -1.66 0.88 -21.93
CA ASN B 70 -1.05 1.66 -23.00
C ASN B 70 -1.48 3.12 -22.93
N LEU B 71 -2.72 3.33 -22.50
CA LEU B 71 -3.27 4.68 -22.40
C LEU B 71 -2.50 5.48 -21.35
N SER B 72 -2.37 6.78 -21.59
CA SER B 72 -1.68 7.67 -20.67
CA SER B 72 -1.69 7.67 -20.66
C SER B 72 -2.30 9.07 -20.68
N HIS B 73 -2.82 9.49 -19.53
CA HIS B 73 -3.38 10.82 -19.37
C HIS B 73 -3.49 11.13 -17.87
N GLU B 74 -3.25 12.37 -17.49
CA GLU B 74 -3.12 12.72 -16.08
C GLU B 74 -4.44 12.69 -15.30
N LYS B 75 -5.55 12.55 -16.02
CA LYS B 75 -6.87 12.49 -15.39
C LYS B 75 -7.49 11.10 -15.49
N LEU B 76 -6.73 10.15 -16.03
CA LEU B 76 -7.04 8.74 -15.89
C LEU B 76 -6.28 8.25 -14.66
N VAL B 77 -6.89 7.38 -13.87
CA VAL B 77 -6.21 6.84 -12.70
C VAL B 77 -4.97 6.08 -13.15
N GLN B 78 -3.85 6.34 -12.50
CA GLN B 78 -2.57 5.79 -12.93
C GLN B 78 -2.49 4.29 -12.70
N LEU B 79 -2.38 3.53 -13.78
CA LEU B 79 -2.11 2.09 -13.70
C LEU B 79 -0.61 1.87 -13.57
N TYR B 80 -0.22 0.89 -12.76
CA TYR B 80 1.18 0.57 -12.53
C TYR B 80 1.56 -0.78 -13.14
N GLY B 81 0.60 -1.70 -13.15
CA GLY B 81 0.85 -3.02 -13.70
C GLY B 81 -0.32 -3.96 -13.53
N VAL B 82 -0.17 -5.17 -14.08
CA VAL B 82 -1.19 -6.21 -13.99
C VAL B 82 -0.55 -7.53 -13.60
N CYS B 83 -1.38 -8.51 -13.21
CA CYS B 83 -0.90 -9.85 -12.90
C CYS B 83 -1.82 -10.87 -13.55
N THR B 84 -1.44 -11.32 -14.75
CA THR B 84 -2.34 -12.12 -15.57
C THR B 84 -2.11 -13.63 -15.45
N LYS B 85 -0.93 -14.03 -14.97
CA LYS B 85 -0.56 -15.44 -14.97
C LYS B 85 -1.33 -16.22 -13.91
N GLN B 86 -1.58 -15.57 -12.79
CA GLN B 86 -2.34 -16.18 -11.71
C GLN B 86 -3.84 -15.99 -11.94
N ARG B 87 -4.65 -16.51 -11.03
CA ARG B 87 -6.09 -16.36 -11.09
C ARG B 87 -6.62 -16.27 -9.66
N PRO B 88 -7.26 -15.14 -9.30
CA PRO B 88 -7.74 -14.06 -10.15
C PRO B 88 -6.63 -13.14 -10.66
N ILE B 89 -6.94 -12.41 -11.73
CA ILE B 89 -6.04 -11.42 -12.30
C ILE B 89 -6.05 -10.16 -11.42
N PHE B 90 -4.89 -9.51 -11.30
CA PHE B 90 -4.78 -8.28 -10.54
C PHE B 90 -4.57 -7.09 -11.48
N ILE B 91 -5.16 -5.95 -11.10
CA ILE B 91 -4.89 -4.69 -11.75
C ILE B 91 -4.44 -3.70 -10.66
N ILE B 92 -3.22 -3.18 -10.82
CA ILE B 92 -2.58 -2.40 -9.78
C ILE B 92 -2.51 -0.93 -10.17
N THR B 93 -3.02 -0.06 -9.29
CA THR B 93 -3.08 1.37 -9.55
C THR B 93 -2.52 2.16 -8.37
N GLU B 94 -2.37 3.46 -8.57
CA GLU B 94 -2.08 4.38 -7.49
C GLU B 94 -3.22 4.32 -6.48
N TYR B 95 -2.91 4.66 -5.22
CA TYR B 95 -3.93 4.74 -4.19
C TYR B 95 -4.56 6.14 -4.19
N MET B 96 -5.85 6.20 -4.48
CA MET B 96 -6.61 7.44 -4.45
C MET B 96 -7.20 7.64 -3.05
N ALA B 97 -6.61 8.54 -2.30
CA ALA B 97 -6.86 8.65 -0.86
C ALA B 97 -8.30 9.03 -0.49
N ASN B 98 -9.00 9.72 -1.39
CA ASN B 98 -10.36 10.17 -1.12
C ASN B 98 -11.45 9.27 -1.73
N GLY B 99 -11.03 8.11 -2.23
CA GLY B 99 -11.96 7.08 -2.67
C GLY B 99 -12.87 7.47 -3.83
N CYS B 100 -14.01 6.79 -3.93
CA CYS B 100 -14.97 7.03 -5.00
C CYS B 100 -15.56 8.44 -4.92
N LEU B 101 -15.75 9.05 -6.08
CA LEU B 101 -16.28 10.41 -6.17
C LEU B 101 -17.66 10.51 -5.52
N LEU B 102 -18.47 9.47 -5.67
CA LEU B 102 -19.83 9.48 -5.14
C LEU B 102 -19.85 9.71 -3.63
N ASN B 103 -19.03 8.96 -2.90
CA ASN B 103 -18.96 9.10 -1.45
C ASN B 103 -18.36 10.44 -1.05
N TYR B 104 -17.34 10.86 -1.80
CA TYR B 104 -16.68 12.13 -1.57
C TYR B 104 -17.68 13.27 -1.66
N LEU B 105 -18.59 13.19 -2.63
CA LEU B 105 -19.64 14.18 -2.80
C LEU B 105 -20.58 14.17 -1.60
N ARG B 106 -20.93 12.98 -1.13
CA ARG B 106 -21.88 12.85 -0.03
C ARG B 106 -21.28 13.32 1.30
N GLU B 107 -20.02 12.95 1.55
CA GLU B 107 -19.29 13.49 2.69
C GLU B 107 -19.21 15.00 2.51
N MET B 108 -19.21 15.41 1.25
CA MET B 108 -19.31 16.82 0.87
CA MET B 108 -19.31 16.82 0.89
C MET B 108 -18.14 17.68 1.37
N ARG B 109 -17.12 17.05 1.95
CA ARG B 109 -16.02 17.81 2.55
C ARG B 109 -16.63 18.73 3.60
N HIS B 110 -16.12 19.96 3.71
CA HIS B 110 -16.77 20.98 4.51
C HIS B 110 -18.08 21.36 3.81
N ARG B 111 -17.93 22.06 2.68
CA ARG B 111 -19.04 22.36 1.78
C ARG B 111 -18.41 22.69 0.43
N PHE B 112 -19.03 22.23 -0.64
CA PHE B 112 -18.55 22.57 -1.98
C PHE B 112 -19.03 23.94 -2.41
N GLN B 113 -18.19 24.63 -3.18
CA GLN B 113 -18.57 25.87 -3.85
C GLN B 113 -18.69 25.55 -5.34
N THR B 114 -19.44 26.38 -6.06
CA THR B 114 -19.82 26.06 -7.43
C THR B 114 -18.65 25.94 -8.42
N GLN B 115 -17.53 26.58 -8.11
CA GLN B 115 -16.37 26.52 -9.00
C GLN B 115 -15.64 25.17 -8.86
N GLN B 116 -15.67 24.61 -7.65
CA GLN B 116 -15.09 23.29 -7.41
C GLN B 116 -15.85 22.24 -8.19
N LEU B 117 -17.16 22.40 -8.27
CA LEU B 117 -18.01 21.41 -8.93
C LEU B 117 -17.73 21.41 -10.43
N LEU B 118 -17.57 22.59 -11.01
CA LEU B 118 -17.27 22.69 -12.43
C LEU B 118 -15.89 22.12 -12.71
N GLU B 119 -14.96 22.33 -11.78
CA GLU B 119 -13.59 21.82 -11.92
C GLU B 119 -13.57 20.31 -11.95
N MET B 120 -14.45 19.68 -11.18
CA MET B 120 -14.58 18.22 -11.21
C MET B 120 -15.05 17.77 -12.58
N CYS B 121 -15.97 18.54 -13.17
CA CYS B 121 -16.51 18.22 -14.48
C CYS B 121 -15.43 18.37 -15.56
N LYS B 122 -14.61 19.42 -15.44
CA LYS B 122 -13.51 19.64 -16.37
C LYS B 122 -12.54 18.47 -16.30
N ASP B 123 -12.21 18.06 -15.08
CA ASP B 123 -11.28 16.95 -14.86
C ASP B 123 -11.72 15.71 -15.63
N VAL B 124 -12.96 15.30 -15.43
CA VAL B 124 -13.50 14.12 -16.09
C VAL B 124 -13.54 14.30 -17.60
N CYS B 125 -13.97 15.48 -18.04
CA CYS B 125 -14.17 15.73 -19.47
C CYS B 125 -12.84 15.68 -20.23
N GLU B 126 -11.76 16.12 -19.60
CA GLU B 126 -10.44 16.03 -20.22
C GLU B 126 -10.05 14.57 -20.43
N ALA B 127 -10.30 13.75 -19.42
CA ALA B 127 -10.01 12.33 -19.50
C ALA B 127 -10.84 11.67 -20.60
N MET B 128 -12.12 12.02 -20.66
CA MET B 128 -13.02 11.43 -21.63
C MET B 128 -12.70 11.90 -23.05
N GLU B 129 -12.24 13.14 -23.20
CA GLU B 129 -11.82 13.62 -24.51
C GLU B 129 -10.65 12.79 -25.02
N TYR B 130 -9.75 12.44 -24.10
CA TYR B 130 -8.59 11.63 -24.45
C TYR B 130 -9.03 10.23 -24.91
N LEU B 131 -9.82 9.55 -24.09
CA LEU B 131 -10.36 8.23 -24.45
C LEU B 131 -11.06 8.29 -25.80
N GLU B 132 -11.85 9.34 -26.00
CA GLU B 132 -12.56 9.55 -27.25
C GLU B 132 -11.60 9.63 -28.43
N SER B 133 -10.51 10.39 -28.25
CA SER B 133 -9.51 10.55 -29.31
C SER B 133 -8.81 9.23 -29.62
N LYS B 134 -8.94 8.26 -28.72
CA LYS B 134 -8.34 6.93 -28.90
C LYS B 134 -9.37 5.90 -29.33
N GLN B 135 -10.60 6.33 -29.56
CA GLN B 135 -11.70 5.43 -29.90
C GLN B 135 -11.87 4.34 -28.83
N PHE B 136 -11.63 4.71 -27.58
CA PHE B 136 -11.77 3.79 -26.46
C PHE B 136 -12.98 4.18 -25.62
N LEU B 137 -13.96 3.30 -25.54
CA LEU B 137 -15.21 3.58 -24.83
C LEU B 137 -15.11 3.19 -23.35
N HIS B 138 -15.65 4.03 -22.47
CA HIS B 138 -15.67 3.74 -21.04
C HIS B 138 -16.72 2.68 -20.73
N ARG B 139 -17.95 2.93 -21.18
CA ARG B 139 -19.10 2.01 -21.08
C ARG B 139 -19.85 2.02 -19.74
N ASP B 140 -19.32 2.69 -18.74
CA ASP B 140 -19.97 2.73 -17.43
C ASP B 140 -19.54 3.94 -16.60
N LEU B 141 -19.43 5.09 -17.27
CA LEU B 141 -19.04 6.31 -16.59
C LEU B 141 -20.10 6.73 -15.58
N ALA B 142 -19.68 6.90 -14.32
CA ALA B 142 -20.56 7.34 -13.26
C ALA B 142 -19.72 7.75 -12.05
N ALA B 143 -20.32 8.52 -11.15
CA ALA B 143 -19.60 9.02 -9.99
C ALA B 143 -19.03 7.90 -9.12
N ARG B 144 -19.73 6.77 -9.10
CA ARG B 144 -19.32 5.65 -8.26
C ARG B 144 -17.99 5.04 -8.72
N ASN B 145 -17.66 5.22 -10.01
CA ASN B 145 -16.43 4.67 -10.56
CA ASN B 145 -16.43 4.66 -10.55
C ASN B 145 -15.33 5.70 -10.79
N CYS B 146 -15.62 6.97 -10.49
CA CYS B 146 -14.60 8.01 -10.55
C CYS B 146 -13.90 8.06 -9.20
N LEU B 147 -12.61 8.39 -9.19
CA LEU B 147 -11.82 8.44 -7.96
C LEU B 147 -11.26 9.84 -7.72
N VAL B 148 -10.99 10.15 -6.46
CA VAL B 148 -10.48 11.46 -6.05
C VAL B 148 -9.17 11.31 -5.27
N ASN B 149 -8.15 12.07 -5.67
CA ASN B 149 -6.86 12.02 -4.97
C ASN B 149 -6.81 12.98 -3.79
N ASP B 150 -5.67 13.03 -3.13
CA ASP B 150 -5.50 13.82 -1.91
C ASP B 150 -5.66 15.32 -2.15
N GLN B 151 -5.48 15.76 -3.39
CA GLN B 151 -5.63 17.17 -3.74
C GLN B 151 -7.04 17.52 -4.21
N GLY B 152 -7.92 16.53 -4.25
CA GLY B 152 -9.29 16.76 -4.69
C GLY B 152 -9.44 16.75 -6.21
N VAL B 153 -8.43 16.22 -6.89
CA VAL B 153 -8.52 16.04 -8.34
C VAL B 153 -9.30 14.77 -8.63
N VAL B 154 -10.26 14.87 -9.53
CA VAL B 154 -11.07 13.71 -9.92
C VAL B 154 -10.43 13.02 -11.12
N LYS B 155 -10.29 11.70 -11.03
CA LYS B 155 -9.77 10.91 -12.14
C LYS B 155 -10.76 9.82 -12.54
N VAL B 156 -10.83 9.56 -13.84
CA VAL B 156 -11.68 8.51 -14.38
C VAL B 156 -11.03 7.16 -14.14
N SER B 157 -11.85 6.17 -13.81
CA SER B 157 -11.37 4.82 -13.48
C SER B 157 -12.35 3.77 -14.00
N ASP B 158 -11.94 2.50 -13.93
CA ASP B 158 -12.75 1.39 -14.40
C ASP B 158 -13.16 1.54 -15.87
N PHE B 159 -12.35 2.24 -16.66
CA PHE B 159 -12.68 2.48 -18.06
C PHE B 159 -12.52 1.22 -18.93
N GLY B 160 -13.61 0.83 -19.59
CA GLY B 160 -13.62 -0.30 -20.48
C GLY B 160 -13.82 -1.63 -19.77
N LEU B 161 -13.81 -1.60 -18.44
CA LEU B 161 -13.79 -2.81 -17.63
C LEU B 161 -14.99 -3.74 -17.88
N SER B 162 -16.10 -3.17 -18.33
CA SER B 162 -17.33 -3.94 -18.49
C SER B 162 -17.46 -4.58 -19.87
N ARG B 163 -16.50 -4.31 -20.75
CA ARG B 163 -16.56 -4.76 -22.14
C ARG B 163 -16.76 -6.28 -22.27
N TYR B 164 -16.01 -7.05 -21.50
CA TYR B 164 -15.99 -8.50 -21.66
C TYR B 164 -16.60 -9.27 -20.48
N VAL B 165 -17.46 -8.61 -19.72
CA VAL B 165 -18.18 -9.29 -18.65
C VAL B 165 -19.11 -10.34 -19.26
N LEU B 166 -19.23 -11.49 -18.60
CA LEU B 166 -20.04 -12.59 -19.10
C LEU B 166 -21.42 -12.65 -18.44
N ASP B 167 -21.50 -12.26 -17.17
CA ASP B 167 -22.75 -12.31 -16.44
C ASP B 167 -23.82 -11.42 -17.07
N ASP B 168 -24.88 -12.06 -17.56
CA ASP B 168 -25.96 -11.35 -18.26
C ASP B 168 -26.72 -10.39 -17.34
N GLU B 169 -26.52 -10.53 -16.03
CA GLU B 169 -27.14 -9.61 -15.08
C GLU B 169 -26.53 -8.22 -15.18
N TYR B 170 -25.41 -8.12 -15.90
CA TYR B 170 -24.82 -6.83 -16.23
C TYR B 170 -24.84 -6.57 -17.73
N THR B 171 -24.95 -7.63 -18.53
CA THR B 171 -24.80 -7.51 -19.98
C THR B 171 -25.91 -6.71 -20.66
N SER B 172 -27.13 -6.86 -20.17
CA SER B 172 -28.30 -6.23 -20.80
C SER B 172 -29.06 -5.33 -19.83
N SER B 173 -29.93 -4.48 -20.38
CA SER B 173 -30.68 -3.51 -19.59
C SER B 173 -31.68 -4.18 -18.65
N VAL B 174 -32.03 -5.43 -18.94
CA VAL B 174 -32.96 -6.19 -18.10
C VAL B 174 -32.27 -6.65 -16.82
N GLY B 175 -30.93 -6.72 -16.87
CA GLY B 175 -30.15 -7.16 -15.72
C GLY B 175 -30.28 -6.20 -14.55
N SER B 176 -30.11 -6.73 -13.34
CA SER B 176 -30.22 -5.93 -12.13
C SER B 176 -29.00 -5.06 -11.90
N LYS B 177 -27.85 -5.52 -12.39
CA LYS B 177 -26.58 -4.81 -12.19
C LYS B 177 -26.28 -3.82 -13.31
N PHE B 178 -27.17 -3.71 -14.29
CA PHE B 178 -26.94 -2.84 -15.43
C PHE B 178 -27.11 -1.37 -15.03
N PRO B 179 -26.24 -0.48 -15.55
CA PRO B 179 -26.37 0.94 -15.22
C PRO B 179 -27.45 1.64 -16.05
N VAL B 180 -28.71 1.32 -15.76
CA VAL B 180 -29.83 1.89 -16.50
C VAL B 180 -29.87 3.41 -16.38
N ARG B 181 -29.65 3.92 -15.18
CA ARG B 181 -29.80 5.34 -14.89
C ARG B 181 -28.78 6.22 -15.62
N TRP B 182 -27.76 5.59 -16.20
CA TRP B 182 -26.71 6.31 -16.90
C TRP B 182 -26.73 6.06 -18.41
N SER B 183 -27.75 5.36 -18.89
CA SER B 183 -27.76 4.88 -20.28
C SER B 183 -28.76 5.62 -21.18
N PRO B 184 -28.36 5.91 -22.42
CA PRO B 184 -29.29 6.54 -23.37
C PRO B 184 -30.27 5.51 -23.94
N PRO B 185 -31.32 5.98 -24.64
CA PRO B 185 -32.34 5.08 -25.18
C PRO B 185 -31.81 3.95 -26.07
N GLU B 186 -30.83 4.24 -26.93
CA GLU B 186 -30.35 3.24 -27.88
C GLU B 186 -29.56 2.12 -27.19
N VAL B 187 -29.02 2.40 -26.02
CA VAL B 187 -28.34 1.38 -25.23
C VAL B 187 -29.37 0.49 -24.54
N LEU B 188 -30.37 1.12 -23.92
CA LEU B 188 -31.40 0.38 -23.20
C LEU B 188 -32.18 -0.53 -24.15
N MET B 189 -32.36 -0.08 -25.38
CA MET B 189 -33.19 -0.78 -26.35
C MET B 189 -32.37 -1.77 -27.18
N TYR B 190 -31.25 -1.30 -27.74
CA TYR B 190 -30.52 -2.06 -28.75
C TYR B 190 -29.06 -2.33 -28.41
N SER B 191 -28.65 -2.00 -27.19
CA SER B 191 -27.26 -2.20 -26.76
C SER B 191 -26.29 -1.53 -27.73
N LYS B 192 -26.68 -0.37 -28.25
CA LYS B 192 -25.85 0.35 -29.21
C LYS B 192 -24.88 1.27 -28.49
N PHE B 193 -23.76 0.70 -28.07
CA PHE B 193 -22.71 1.47 -27.40
C PHE B 193 -21.90 2.26 -28.42
N SER B 194 -21.50 3.46 -28.04
CA SER B 194 -20.68 4.31 -28.89
C SER B 194 -20.14 5.45 -28.05
N SER B 195 -19.40 6.36 -28.68
CA SER B 195 -18.89 7.52 -27.98
C SER B 195 -20.05 8.36 -27.46
N LYS B 196 -21.18 8.29 -28.16
CA LYS B 196 -22.35 9.10 -27.82
C LYS B 196 -23.10 8.56 -26.60
N SER B 197 -22.89 7.29 -26.27
CA SER B 197 -23.47 6.74 -25.04
C SER B 197 -22.59 7.11 -23.85
N ASP B 198 -21.30 7.29 -24.09
CA ASP B 198 -20.41 7.84 -23.08
C ASP B 198 -20.78 9.30 -22.80
N ILE B 199 -21.13 10.04 -23.86
CA ILE B 199 -21.56 11.43 -23.72
C ILE B 199 -22.78 11.53 -22.81
N TRP B 200 -23.79 10.69 -23.07
CA TRP B 200 -25.00 10.68 -22.26
C TRP B 200 -24.66 10.48 -20.78
N ALA B 201 -23.84 9.47 -20.51
CA ALA B 201 -23.47 9.14 -19.14
C ALA B 201 -22.73 10.30 -18.45
N PHE B 202 -21.88 10.99 -19.21
CA PHE B 202 -21.15 12.14 -18.66
C PHE B 202 -22.13 13.21 -18.21
N GLY B 203 -23.21 13.39 -18.97
CA GLY B 203 -24.26 14.31 -18.61
C GLY B 203 -24.86 13.95 -17.26
N VAL B 204 -25.15 12.67 -17.09
CA VAL B 204 -25.72 12.18 -15.83
C VAL B 204 -24.70 12.34 -14.70
N LEU B 205 -23.42 12.21 -15.03
CA LEU B 205 -22.35 12.40 -14.04
C LEU B 205 -22.29 13.85 -13.57
N MET B 206 -22.48 14.79 -14.49
CA MET B 206 -22.52 16.19 -14.13
C MET B 206 -23.66 16.44 -13.16
N TRP B 207 -24.79 15.77 -13.39
CA TRP B 207 -25.94 15.90 -12.51
C TRP B 207 -25.62 15.36 -11.13
N GLU B 208 -24.94 14.22 -11.07
CA GLU B 208 -24.52 13.64 -9.80
C GLU B 208 -23.64 14.61 -9.02
N ILE B 209 -22.72 15.24 -9.73
CA ILE B 209 -21.81 16.20 -9.12
C ILE B 209 -22.57 17.39 -8.55
N TYR B 210 -23.37 18.04 -9.38
CA TYR B 210 -24.05 19.27 -8.98
C TYR B 210 -25.18 19.05 -8.01
N SER B 211 -25.60 17.79 -7.86
CA SER B 211 -26.62 17.43 -6.88
C SER B 211 -25.98 16.89 -5.61
N LEU B 212 -24.65 16.91 -5.57
CA LEU B 212 -23.89 16.42 -4.43
C LEU B 212 -24.20 14.96 -4.11
N GLY B 213 -24.28 14.14 -5.16
CA GLY B 213 -24.33 12.71 -5.01
C GLY B 213 -25.70 12.09 -4.84
N LYS B 214 -26.75 12.75 -5.32
CA LYS B 214 -28.09 12.15 -5.33
C LYS B 214 -28.15 11.05 -6.37
N MET B 215 -28.95 10.03 -6.10
CA MET B 215 -29.21 8.98 -7.08
CA MET B 215 -29.21 8.98 -7.08
C MET B 215 -30.10 9.55 -8.18
N PRO B 216 -29.71 9.35 -9.45
CA PRO B 216 -30.60 9.84 -10.51
C PRO B 216 -31.93 9.10 -10.55
N TYR B 217 -33.03 9.82 -10.75
CA TYR B 217 -34.36 9.22 -10.83
C TYR B 217 -34.67 8.38 -9.58
N GLU B 218 -34.35 8.93 -8.41
CA GLU B 218 -34.46 8.20 -7.15
C GLU B 218 -35.87 7.62 -6.94
N ARG B 219 -36.88 8.33 -7.44
CA ARG B 219 -38.26 7.92 -7.25
C ARG B 219 -38.61 6.62 -7.98
N PHE B 220 -37.78 6.22 -8.94
CA PHE B 220 -38.12 5.14 -9.84
C PHE B 220 -37.15 3.96 -9.78
N THR B 221 -37.67 2.78 -10.10
CA THR B 221 -36.84 1.59 -10.26
C THR B 221 -36.14 1.65 -11.61
N ASN B 222 -35.27 0.67 -11.86
CA ASN B 222 -34.56 0.59 -13.14
C ASN B 222 -35.53 0.43 -14.31
N SER B 223 -36.52 -0.45 -14.17
CA SER B 223 -37.49 -0.68 -15.24
CA SER B 223 -37.49 -0.69 -15.23
C SER B 223 -38.33 0.57 -15.49
N GLU B 224 -38.79 1.20 -14.42
CA GLU B 224 -39.58 2.42 -14.52
C GLU B 224 -38.75 3.51 -15.19
N THR B 225 -37.49 3.64 -14.77
CA THR B 225 -36.58 4.63 -15.32
C THR B 225 -36.39 4.43 -16.82
N ALA B 226 -36.20 3.17 -17.22
CA ALA B 226 -35.99 2.83 -18.62
C ALA B 226 -37.19 3.27 -19.47
N GLU B 227 -38.39 3.00 -18.96
CA GLU B 227 -39.61 3.36 -19.69
C GLU B 227 -39.77 4.86 -19.80
N HIS B 228 -39.60 5.57 -18.69
CA HIS B 228 -39.83 7.01 -18.65
C HIS B 228 -38.76 7.78 -19.43
N ILE B 229 -37.53 7.26 -19.40
CA ILE B 229 -36.44 7.84 -20.18
C ILE B 229 -36.73 7.73 -21.67
N ALA B 230 -37.20 6.57 -22.08
CA ALA B 230 -37.54 6.33 -23.48
C ALA B 230 -38.64 7.29 -23.92
N GLN B 231 -39.48 7.71 -22.96
CA GLN B 231 -40.61 8.57 -23.26
C GLN B 231 -40.35 10.05 -22.97
N GLY B 232 -39.10 10.39 -22.66
CA GLY B 232 -38.67 11.79 -22.64
C GLY B 232 -38.31 12.39 -21.30
N LEU B 233 -38.45 11.63 -20.22
CA LEU B 233 -38.08 12.14 -18.90
C LEU B 233 -36.61 12.50 -18.85
N ARG B 234 -36.29 13.59 -18.16
CA ARG B 234 -34.91 14.04 -18.02
C ARG B 234 -34.67 14.51 -16.58
N LEU B 235 -33.41 14.51 -16.15
CA LEU B 235 -33.06 14.96 -14.82
C LEU B 235 -33.19 16.49 -14.70
N TYR B 236 -33.90 16.94 -13.68
CA TYR B 236 -34.15 18.37 -13.48
C TYR B 236 -32.86 19.12 -13.16
N ARG B 237 -32.88 20.44 -13.35
CA ARG B 237 -31.71 21.28 -13.07
C ARG B 237 -31.43 21.37 -11.58
N PRO B 238 -30.23 20.93 -11.14
CA PRO B 238 -29.90 21.08 -9.71
C PRO B 238 -29.67 22.53 -9.32
N HIS B 239 -30.03 22.88 -8.08
CA HIS B 239 -29.94 24.25 -7.58
C HIS B 239 -28.57 24.88 -7.80
N LEU B 240 -27.52 24.13 -7.52
CA LEU B 240 -26.16 24.67 -7.61
C LEU B 240 -25.65 24.82 -9.04
N ALA B 241 -26.42 24.34 -10.01
CA ALA B 241 -26.06 24.48 -11.41
C ALA B 241 -26.72 25.71 -12.01
N SER B 242 -25.91 26.56 -12.65
CA SER B 242 -26.42 27.73 -13.34
C SER B 242 -27.12 27.32 -14.63
N GLU B 243 -27.78 28.27 -15.27
CA GLU B 243 -28.49 28.02 -16.52
C GLU B 243 -27.52 27.56 -17.60
N LYS B 244 -26.33 28.14 -17.61
CA LYS B 244 -25.31 27.79 -18.59
C LYS B 244 -24.78 26.39 -18.36
N VAL B 245 -24.51 26.05 -17.10
CA VAL B 245 -24.01 24.73 -16.76
C VAL B 245 -25.05 23.67 -17.10
N TYR B 246 -26.31 23.96 -16.82
CA TYR B 246 -27.38 22.99 -17.08
C TYR B 246 -27.56 22.77 -18.58
N THR B 247 -27.36 23.82 -19.38
CA THR B 247 -27.43 23.71 -20.83
C THR B 247 -26.41 22.69 -21.32
N ILE B 248 -25.23 22.71 -20.73
CA ILE B 248 -24.16 21.78 -21.11
C ILE B 248 -24.57 20.33 -20.81
N MET B 249 -25.01 20.06 -19.59
CA MET B 249 -25.33 18.68 -19.22
C MET B 249 -26.58 18.20 -19.96
N TYR B 250 -27.51 19.12 -20.19
CA TYR B 250 -28.73 18.79 -20.93
C TYR B 250 -28.41 18.40 -22.38
N SER B 251 -27.42 19.07 -22.97
CA SER B 251 -27.06 18.81 -24.37
C SER B 251 -26.59 17.36 -24.58
N CYS B 252 -26.19 16.71 -23.49
CA CYS B 252 -25.73 15.33 -23.55
C CYS B 252 -26.88 14.33 -23.70
N TRP B 253 -28.12 14.82 -23.58
CA TRP B 253 -29.27 13.93 -23.42
C TRP B 253 -30.25 13.94 -24.61
N HIS B 254 -29.80 14.39 -25.78
CA HIS B 254 -30.66 14.33 -26.97
CA HIS B 254 -30.67 14.33 -26.96
C HIS B 254 -31.04 12.89 -27.25
N GLU B 255 -32.28 12.68 -27.69
CA GLU B 255 -32.76 11.35 -28.03
C GLU B 255 -31.92 10.75 -29.15
N LYS B 256 -31.64 11.57 -30.17
CA LYS B 256 -30.77 11.17 -31.27
C LYS B 256 -29.30 11.32 -30.89
N ALA B 257 -28.56 10.21 -30.97
CA ALA B 257 -27.17 10.18 -30.55
C ALA B 257 -26.28 11.12 -31.37
N ASP B 258 -26.55 11.20 -32.67
CA ASP B 258 -25.70 12.00 -33.57
C ASP B 258 -25.79 13.49 -33.28
N GLU B 259 -26.78 13.90 -32.51
CA GLU B 259 -27.00 15.31 -32.19
C GLU B 259 -26.37 15.71 -30.86
N ARG B 260 -25.89 14.74 -30.10
CA ARG B 260 -25.18 15.03 -28.86
C ARG B 260 -23.78 15.51 -29.23
N PRO B 261 -23.18 16.37 -28.39
CA PRO B 261 -21.85 16.90 -28.74
C PRO B 261 -20.76 15.85 -28.56
N THR B 262 -19.53 16.22 -28.91
CA THR B 262 -18.37 15.39 -28.62
C THR B 262 -17.79 15.86 -27.29
N PHE B 263 -16.82 15.14 -26.77
CA PHE B 263 -16.18 15.54 -25.51
C PHE B 263 -15.27 16.76 -25.72
N LYS B 264 -14.80 16.94 -26.95
CA LYS B 264 -13.98 18.10 -27.27
C LYS B 264 -14.84 19.36 -27.19
N ILE B 265 -16.05 19.27 -27.73
CA ILE B 265 -17.00 20.38 -27.68
C ILE B 265 -17.40 20.68 -26.23
N LEU B 266 -17.68 19.63 -25.45
CA LEU B 266 -18.05 19.80 -24.05
C LEU B 266 -16.95 20.49 -23.25
N LEU B 267 -15.70 20.09 -23.48
CA LEU B 267 -14.57 20.69 -22.78
C LEU B 267 -14.51 22.17 -23.09
N SER B 268 -14.67 22.51 -24.37
CA SER B 268 -14.67 23.90 -24.80
CA SER B 268 -14.68 23.91 -24.80
C SER B 268 -15.80 24.68 -24.14
N ASN B 269 -16.98 24.07 -24.04
CA ASN B 269 -18.13 24.73 -23.41
C ASN B 269 -17.91 24.94 -21.91
N ILE B 270 -17.23 23.99 -21.28
CA ILE B 270 -16.95 24.06 -19.85
C ILE B 270 -15.94 25.17 -19.56
N LEU B 271 -14.94 25.32 -20.43
CA LEU B 271 -13.93 26.36 -20.25
C LEU B 271 -14.52 27.75 -20.50
N ASP B 272 -15.45 27.84 -21.44
CA ASP B 272 -16.18 29.08 -21.69
C ASP B 272 -16.86 29.57 -20.41
N VAL B 273 -17.56 28.68 -19.74
CA VAL B 273 -18.25 29.00 -18.50
C VAL B 273 -17.25 29.38 -17.40
N MET B 274 -16.16 28.63 -17.31
CA MET B 274 -15.10 28.92 -16.36
C MET B 274 -14.54 30.32 -16.58
N ASP B 275 -14.14 30.60 -17.83
CA ASP B 275 -13.61 31.90 -18.20
C ASP B 275 -14.53 33.03 -17.75
N GLU B 276 -15.81 32.91 -18.09
CA GLU B 276 -16.81 33.88 -17.67
C GLU B 276 -16.89 33.94 -16.15
N GLU B 277 -16.78 32.78 -15.51
CA GLU B 277 -16.85 32.68 -14.05
C GLU B 277 -18.18 33.18 -13.53
C1 4C9 C . 11.01 -4.62 4.78
C2 4C9 C . 10.15 -3.07 5.38
C3 4C9 C . 8.57 -3.16 5.16
C4 4C9 C . 9.65 -5.83 2.92
C5 4C9 C . 21.29 -8.84 4.16
C6 4C9 C . 22.49 -8.68 4.86
C7 4C9 C . 23.93 -8.08 8.10
C8 4C9 C . 23.36 -9.20 8.73
N1 4C9 C . 17.13 -11.92 2.75
N2 4C9 C . 19.19 -11.79 3.81
C9 4C9 C . 18.10 -11.12 3.33
C10 4C9 C . 17.94 -9.69 3.41
C11 4C9 C . 16.73 -9.24 2.84
N3 4C9 C . 16.74 -7.81 2.95
C12 4C9 C . 15.65 -6.90 2.59
C13 4C9 C . 14.55 -6.91 3.68
N4 4C9 C . 13.47 -5.92 3.44
C14 4C9 C . 12.12 -6.20 3.52
C15 4C9 C . 10.89 -5.30 3.43
C16 4C9 C . 10.77 -1.78 4.50
C17 4C9 C . 10.48 -2.84 6.94
N5 4C9 C . 8.66 -6.29 2.46
O1 4C9 C . 11.81 -7.40 3.80
C18 4C9 C . 14.00 -4.57 3.15
C19 4C9 C . 15.04 -4.58 2.04
C20 4C9 C . 16.16 -5.44 2.50
N6 4C9 C . 17.89 -7.42 3.64
C21 4C9 C . 18.68 -8.50 3.91
C22 4C9 C . 20.03 -8.39 4.61
C23 4C9 C . 22.57 -8.03 6.09
O2 4C9 C . 23.82 -7.93 6.70
C24 4C9 C . 24.59 -7.15 8.92
C25 4C9 C . 24.67 -7.37 10.30
C26 4C9 C . 24.10 -8.47 10.91
C27 4C9 C . 23.44 -9.39 10.10
C28 4C9 C . 21.35 -7.55 6.58
C29 4C9 C . 20.14 -7.72 5.86
N7 4C9 C . 15.75 -10.00 2.26
C30 4C9 C . 16.02 -11.34 2.25
H1 4C9 C . 12.11 -4.64 4.93
H3 4C9 C . 8.10 -2.25 4.88
H4 4C9 C . 8.40 -3.86 4.33
H5 4C9 C . 8.14 -3.45 6.12
H6 4C9 C . 21.46 -9.38 3.23
H7 4C9 C . 23.38 -9.10 4.37
H8 4C9 C . 22.82 -9.97 8.16
H9 4C9 C . 19.36 -12.75 3.64
H10 4C9 C . 19.86 -11.35 4.36
H11 4C9 C . 15.22 -7.26 1.66
H12 4C9 C . 15.04 -6.67 4.65
H13 4C9 C . 14.20 -7.95 3.79
H15 4C9 C . 11.02 -0.84 5.00
H16 4C9 C . 10.14 -1.48 3.67
H17 4C9 C . 11.73 -2.17 4.24
H18 4C9 C . 10.21 -1.73 6.97
H19 4C9 C . 9.85 -3.43 7.58
H20 4C9 C . 11.50 -2.82 7.31
H21 4C9 C . 14.54 -4.18 4.01
H22 4C9 C . 13.25 -3.80 2.83
H23 4C9 C . 15.39 -3.55 1.81
H24 4C9 C . 14.56 -4.90 1.09
H25 4C9 C . 16.47 -5.23 3.55
H26 4C9 C . 17.02 -5.14 1.89
H27 4C9 C . 25.09 -6.24 8.56
H28 4C9 C . 25.17 -6.70 11.01
H29 4C9 C . 24.24 -8.50 12.00
H30 4C9 C . 22.97 -10.29 10.52
H31 4C9 C . 21.26 -7.02 7.54
H32 4C9 C . 19.24 -7.31 6.31
H33 4C9 C . 15.28 -12.03 1.79
H34 4C9 C . 11.11 -4.44 2.74
NA NA D . -5.77 -13.26 29.59
NA NA E . 5.79 -18.61 14.14
NA NA F . -3.85 -1.78 28.54
NA NA G . -1.94 -20.41 8.72
NA NA H . 21.74 -22.28 17.53
NA NA I . 13.86 -15.05 -5.71
NA NA J . 20.44 1.19 29.20
NA NA K . 20.30 2.60 17.54
C1 EDO L . 17.22 1.13 21.80
O1 EDO L . 18.61 0.76 21.80
C2 EDO L . 16.72 1.30 20.38
O2 EDO L . 16.57 0.02 19.76
H11 EDO L . 16.64 0.34 22.31
H12 EDO L . 17.09 2.05 22.36
HO1 EDO L . 18.93 0.66 22.71
H21 EDO L . 15.76 1.82 20.38
H22 EDO L . 17.43 1.89 19.81
HO2 EDO L . 16.25 0.12 18.85
C1 EDO M . -0.13 -17.25 24.01
O1 EDO M . 0.03 -16.20 23.05
C2 EDO M . -1.01 -18.35 23.45
O2 EDO M . -0.70 -18.58 22.07
H11 EDO M . 0.86 -17.65 24.27
H12 EDO M . -0.57 -16.84 24.92
HO1 EDO M . 0.59 -15.50 23.41
H21 EDO M . -0.86 -19.27 24.02
H22 EDO M . -2.06 -18.07 23.54
HO2 EDO M . -1.26 -19.29 21.73
S SO4 N . -2.24 4.54 18.77
O1 SO4 N . -3.42 4.82 19.58
O2 SO4 N . -2.61 4.61 17.36
O3 SO4 N . -1.74 3.20 19.08
O4 SO4 N . -1.21 5.53 19.08
S SO4 O . 8.03 1.29 36.86
O1 SO4 O . 6.63 1.39 37.29
O2 SO4 O . 8.73 2.52 37.23
O3 SO4 O . 8.65 0.14 37.51
O4 SO4 O . 8.07 1.11 35.42
CL CL P . -3.56 -14.60 30.64
CL CL Q . -0.10 -18.19 8.84
CL CL R . 22.56 3.50 18.52
NA NA S . -36.95 10.56 -9.33
NA NA T . -9.22 -9.14 19.26
NA NA U . -8.86 -9.74 5.05
C1 4C9 V . -17.41 3.94 -3.18
C2 4C9 V . -19.25 3.80 -3.31
C3 4C9 V . -19.95 4.76 -2.25
C4 4C9 V . -16.58 4.67 -0.81
C5 4C9 V . -8.29 -0.03 -8.22
C6 4C9 V . -8.00 -0.58 -9.48
C7 4C9 V . -8.74 -0.41 -13.02
C8 4C9 V . -9.24 -1.16 -14.10
N1 4C9 V . -7.73 3.86 -4.50
N2 4C9 V . -7.02 3.00 -6.53
C9 4C9 V . -8.00 3.02 -5.58
C10 4C9 V . -9.20 2.26 -5.66
C11 4C9 V . -10.06 2.46 -4.54
N3 4C9 V . -11.20 1.61 -4.74
C12 4C9 V . -12.41 1.53 -3.90
C13 4C9 V . -13.33 2.75 -4.13
N4 4C9 V . -14.63 2.68 -3.43
C14 4C9 V . -15.17 3.68 -2.66
C15 4C9 V . -16.52 3.81 -1.95
C16 4C9 V . -19.66 2.20 -3.01
C17 4C9 V . -19.73 4.19 -4.81
N5 4C9 V . -16.66 5.38 0.13
O1 4C9 V . -14.48 4.75 -2.55
C18 4C9 V . -15.32 1.38 -3.68
C19 4C9 V . -14.42 0.20 -3.37
C20 4C9 V . -13.24 0.29 -4.28
N6 4C9 V . -11.08 0.97 -5.98
C21 4C9 V . -9.89 1.29 -6.57
C22 4C9 V . -9.47 0.68 -7.91
C23 4C9 V . -8.85 -0.47 -10.58
O2 4C9 V . -8.48 -1.06 -11.79
C24 4C9 V . -8.52 0.98 -13.24
C25 4C9 V . -8.80 1.53 -14.50
C26 4C9 V . -9.30 0.77 -15.56
C27 4C9 V . -9.52 -0.59 -15.34
C28 4C9 V . -10.06 0.22 -10.32
C29 4C9 V . -10.33 0.76 -9.04
N7 4C9 V . -9.83 3.29 -3.46
C30 4C9 V . -8.65 3.94 -3.51
H1 4C9 V . -16.84 3.34 -3.94
H3 4C9 V . -19.34 5.04 -1.42
H4 4C9 V . -20.18 5.70 -2.78
H5 4C9 V . -20.80 4.21 -1.83
H6 4C9 V . -7.47 -0.24 -7.54
H7 4C9 V . -7.03 -1.10 -9.57
H8 4C9 V . -9.44 -2.23 -14.00
H9 4C9 V . -6.12 3.42 -6.42
H10 4C9 V . -7.14 2.57 -7.40
H11 4C9 V . -12.07 1.54 -2.86
H12 4C9 V . -13.51 2.80 -5.23
H13 4C9 V . -12.74 3.66 -3.90
H15 4C9 V . -20.44 1.71 -3.60
H16 4C9 V . -19.96 2.02 -1.98
H17 4C9 V . -18.77 1.71 -3.33
H18 4C9 V . -20.76 3.70 -4.74
H19 4C9 V . -19.79 5.24 -4.94
H20 4C9 V . -19.31 3.69 -5.68
H21 4C9 V . -16.15 1.28 -2.97
H22 4C9 V . -15.66 1.21 -4.74
H23 4C9 V . -14.97 -0.76 -3.54
H24 4C9 V . -14.20 0.17 -2.29
H25 4C9 V . -13.52 0.48 -5.32
H26 4C9 V . -12.83 -0.74 -4.28
H27 4C9 V . -8.13 1.67 -12.50
H28 4C9 V . -8.67 2.58 -14.77
H29 4C9 V . -9.48 1.33 -16.48
H30 4C9 V . -9.90 -1.24 -16.12
H31 4C9 V . -10.84 0.38 -11.07
H32 4C9 V . -11.28 1.28 -8.92
H33 4C9 V . -8.38 4.63 -2.67
H34 4C9 V . -16.83 2.80 -1.57
NA NA W . -23.20 3.18 -5.75
NA NA X . -22.14 30.13 -14.91
NA NA Y . -27.91 30.96 -14.02
NA NA Z . -33.95 17.18 -3.39
NA NA AA . -18.55 -5.78 1.06
NA NA BA . -12.46 18.39 -5.69
NA NA CA . -23.08 26.51 -11.23
NA NA DA . -38.52 15.38 -17.58
NA NA EA . -17.87 -11.27 -23.67
NA NA FA . -0.40 -14.11 -9.62
NA NA GA . -9.42 -4.87 -26.47
NA NA HA . -34.36 -1.24 -9.82
NA NA IA . 0.79 -12.47 -15.74
C1 EDO JA . -23.89 3.83 -20.13
O1 EDO JA . -22.99 4.07 -19.04
C2 EDO JA . -23.14 3.92 -21.45
O2 EDO JA . -22.23 2.82 -21.55
H11 EDO JA . -24.34 2.84 -20.04
H12 EDO JA . -24.70 4.57 -20.11
HO1 EDO JA . -23.47 4.00 -18.21
H21 EDO JA . -23.84 3.90 -22.28
H22 EDO JA . -22.60 4.86 -21.49
HO2 EDO JA . -21.74 2.89 -22.38
C1 EDO KA . -5.56 4.27 4.73
O1 EDO KA . -4.41 3.96 3.94
C2 EDO KA . -6.34 2.99 5.02
O2 EDO KA . -6.36 2.17 3.86
H11 EDO KA . -5.24 4.74 5.67
H12 EDO KA . -6.19 4.98 4.20
HO1 EDO KA . -3.91 4.76 3.76
H21 EDO KA . -5.87 2.46 5.85
H22 EDO KA . -7.36 3.25 5.31
HO2 EDO KA . -6.86 1.36 4.04
C1 EDO LA . -17.79 5.58 -31.62
O1 EDO LA . -18.46 4.39 -31.21
C2 EDO LA . -18.79 6.51 -32.33
O2 EDO LA . -18.10 7.36 -33.24
H11 EDO LA . -17.38 6.10 -30.76
H12 EDO LA . -16.98 5.35 -32.30
HO1 EDO LA . -17.82 3.81 -30.76
H21 EDO LA . -19.53 5.91 -32.86
H22 EDO LA . -19.32 7.11 -31.59
HO2 EDO LA . -18.73 7.94 -33.69
C1 EDO MA . -37.29 12.93 -25.84
O1 EDO MA . -36.86 14.09 -26.56
C2 EDO MA . -37.81 11.87 -26.81
O2 EDO MA . -38.25 10.72 -26.09
H11 EDO MA . -36.45 12.52 -25.27
H12 EDO MA . -38.07 13.20 -25.13
HO1 EDO MA . -36.53 14.75 -25.93
H21 EDO MA . -38.64 12.29 -27.39
H22 EDO MA . -37.01 11.59 -27.51
HO2 EDO MA . -38.58 10.06 -26.71
C1 EDO NA . -33.90 12.39 -7.99
O1 EDO NA . -32.86 11.45 -8.25
C2 EDO NA . -34.08 13.27 -9.22
O2 EDO NA . -33.72 12.53 -10.39
H11 EDO NA . -34.83 11.86 -7.78
H12 EDO NA . -33.64 13.00 -7.12
HO1 EDO NA . -32.73 10.89 -7.48
H21 EDO NA . -35.12 13.60 -9.29
H22 EDO NA . -33.44 14.16 -9.13
HO2 EDO NA . -33.84 13.09 -11.17
C1 EDO OA . -12.78 -0.35 -26.08
O1 EDO OA . -13.57 0.58 -26.84
C2 EDO OA . -13.09 -0.21 -24.60
O2 EDO OA . -14.49 -0.35 -24.38
H11 EDO OA . -13.00 -1.37 -26.40
H12 EDO OA . -11.72 -0.16 -26.27
HO1 EDO OA . -13.38 0.48 -27.77
H21 EDO OA . -12.54 -0.96 -24.04
H22 EDO OA . -12.76 0.77 -24.25
HO2 EDO OA . -14.68 -0.26 -23.43
S SO4 PA . -31.32 20.39 -5.52
O1 SO4 PA . -31.96 19.08 -5.57
O2 SO4 PA . -32.20 21.38 -6.13
O3 SO4 PA . -30.06 20.34 -6.27
O4 SO4 PA . -31.05 20.75 -4.14
CL CL QA . -36.16 12.30 -11.55
CL CL RA . -37.41 -3.71 -34.60
CL CL SA . -24.02 3.63 -2.86
CL CL TA . -24.31 4.72 -7.93
#